data_4GAY
#
_entry.id   4GAY
#
_cell.length_a   90.874
_cell.length_b   90.874
_cell.length_c   459.156
_cell.angle_alpha   90.00
_cell.angle_beta   90.00
_cell.angle_gamma   90.00
#
_symmetry.space_group_name_H-M   'I 41 2 2'
#
loop_
_entity.id
_entity.type
_entity.pdbx_description
1 polymer 'NEUTRALIZING ANTIBODY AP33 HEAVY CHAIN'
2 polymer 'NEUTRALIZING ANTIBODY AP33 LIGHT CHAIN'
3 non-polymer 'TRIETHYLENE GLYCOL'
4 water water
#
loop_
_entity_poly.entity_id
_entity_poly.type
_entity_poly.pdbx_seq_one_letter_code
_entity_poly.pdbx_strand_id
1 'polypeptide(L)'
;EVQLQESGPSLVKPSQTLSLTCSVTGDSITSGYWNWIRKFPGNKLEYMGYISYSGSTYYNLSLRSRISITRDTSKNQYYL
QLNSVTTEDTATYYCALITTTTYAMDYWGQGTSVTVSSAKTTPPSVYPLAPGSAAQTNSMVTLGCLVKGYFPEPVTVTWN
SGSLSSGVHTFPAVLQSDLYTLSSSVTVPSSTWPSETVTCNVAHPASSTKVDKKIVPR
;
H,A
2 'polypeptide(L)'
;NIVLTQSPVSLAVSLGQRATISCRASESVDGYGNSFLHWFQQKPGQPPKLLIYLASNLNSGVPARFSGSGSRTDFTLTID
PVEADDAATYYCQQNNVDPWTFGGGTKLEIKRADAAPTVSIFPPSSEQLTSGGASVVCFLNNFYPKDINVKWKIDGSERQ
NGVLNSWTDQDSKDSTYSMSSTLTLTKDEYERHNSYTCEATHKTSTSPIVKSFNRNEC
;
L,B
#
loop_
_chem_comp.id
_chem_comp.type
_chem_comp.name
_chem_comp.formula
PGE non-polymer 'TRIETHYLENE GLYCOL' 'C6 H14 O4'
#
# COMPACT_ATOMS: atom_id res chain seq x y z
N VAL A 2 51.11 25.37 -3.97
CA VAL A 2 51.13 24.02 -3.31
C VAL A 2 49.86 23.71 -2.49
N GLN A 3 49.62 24.47 -1.41
CA GLN A 3 48.39 24.26 -0.58
C GLN A 3 47.71 25.54 -0.04
N LEU A 4 46.43 25.71 -0.33
CA LEU A 4 45.73 26.92 0.13
C LEU A 4 44.58 26.64 1.09
N GLN A 5 44.47 27.45 2.15
CA GLN A 5 43.34 27.32 3.09
C GLN A 5 42.71 28.64 3.41
N GLU A 6 41.44 28.79 3.06
CA GLU A 6 40.72 30.01 3.45
C GLU A 6 40.24 29.85 4.87
N SER A 7 40.07 30.97 5.56
CA SER A 7 39.52 31.00 6.92
C SER A 7 38.96 32.42 7.25
N GLY A 8 38.08 32.47 8.25
CA GLY A 8 37.39 33.71 8.62
C GLY A 8 35.96 33.40 9.03
N PRO A 9 35.27 34.39 9.59
CA PRO A 9 33.86 34.31 9.97
C PRO A 9 33.04 33.76 8.83
N SER A 10 32.19 32.77 9.10
CA SER A 10 31.28 32.26 8.10
C SER A 10 29.93 32.99 8.15
N LEU A 11 29.86 34.00 9.02
CA LEU A 11 28.65 34.80 9.20
C LEU A 11 29.02 36.24 9.55
N VAL A 12 28.62 37.16 8.67
CA VAL A 12 28.94 38.56 8.82
C VAL A 12 27.65 39.32 8.63
N LYS A 13 27.48 40.42 9.36
CA LYS A 13 26.24 41.21 9.33
C LYS A 13 26.32 42.32 8.29
N PRO A 14 25.18 42.67 7.67
CA PRO A 14 25.09 43.79 6.74
C PRO A 14 25.84 45.05 7.22
N SER A 15 26.61 45.65 6.33
CA SER A 15 27.39 46.90 6.56
C SER A 15 28.72 46.71 7.25
N GLN A 16 28.90 45.56 7.91
CA GLN A 16 30.21 45.25 8.49
C GLN A 16 31.21 44.90 7.39
N THR A 17 32.50 45.04 7.73
CA THR A 17 33.55 44.53 6.87
C THR A 17 33.70 43.02 6.97
N LEU A 18 33.79 42.37 5.80
CA LEU A 18 34.06 40.94 5.66
C LEU A 18 35.54 40.79 5.44
N SER A 19 36.14 39.76 6.03
CA SER A 19 37.58 39.69 6.14
C SER A 19 37.99 38.24 6.13
N LEU A 20 38.89 37.90 5.22
CA LEU A 20 39.29 36.54 5.09
C LEU A 20 40.78 36.46 4.94
N THR A 21 41.30 35.27 5.19
CA THR A 21 42.72 35.06 5.22
C THR A 21 42.89 33.87 4.37
N CYS A 22 43.88 33.92 3.49
CA CYS A 22 44.35 32.71 2.85
C CYS A 22 45.71 32.34 3.43
N SER A 23 45.92 31.06 3.73
CA SER A 23 47.17 30.50 4.28
C SER A 23 47.88 29.62 3.25
N VAL A 24 49.11 30.00 2.92
CA VAL A 24 49.88 29.23 1.92
C VAL A 24 50.97 28.43 2.60
N THR A 25 50.94 27.12 2.37
CA THR A 25 51.88 26.18 2.98
C THR A 25 52.86 25.65 1.93
N GLY A 26 54.11 26.16 1.97
CA GLY A 26 55.25 25.54 1.24
C GLY A 26 55.64 25.99 -0.16
N ASP A 27 55.62 27.32 -0.36
CA ASP A 27 56.07 28.03 -1.57
C ASP A 27 55.73 29.50 -1.32
N SER A 28 56.60 30.41 -1.74
CA SER A 28 56.54 31.79 -1.28
C SER A 28 55.51 32.67 -2.01
N ILE A 29 54.74 33.46 -1.25
CA ILE A 29 53.80 34.45 -1.84
C ILE A 29 54.52 35.68 -2.43
N THR A 30 55.82 35.49 -2.68
CA THR A 30 56.66 36.35 -3.53
C THR A 30 56.97 35.53 -4.81
N SER A 31 56.24 34.44 -5.00
CA SER A 31 56.31 33.58 -6.20
C SER A 31 54.91 33.34 -6.78
N GLY A 32 54.36 34.35 -7.46
CA GLY A 32 53.14 34.19 -8.24
C GLY A 32 52.13 35.32 -8.17
N TYR A 33 50.89 34.99 -8.56
CA TYR A 33 49.75 35.88 -8.42
C TYR A 33 48.70 35.22 -7.54
N TRP A 34 48.24 35.97 -6.55
CA TRP A 34 47.49 35.41 -5.45
C TRP A 34 46.07 35.95 -5.44
N ASN A 35 45.10 35.10 -5.76
CA ASN A 35 43.79 35.60 -6.12
C ASN A 35 42.68 35.23 -5.18
N TRP A 36 41.67 36.10 -5.14
CA TRP A 36 40.36 35.80 -4.56
C TRP A 36 39.30 35.72 -5.62
N ILE A 37 38.52 34.63 -5.61
CA ILE A 37 37.40 34.38 -6.52
C ILE A 37 36.17 34.04 -5.66
N ARG A 38 34.97 34.44 -6.10
CA ARG A 38 33.71 34.18 -5.40
C ARG A 38 32.78 33.29 -6.23
N LYS A 39 31.98 32.46 -5.56
CA LYS A 39 30.86 31.77 -6.18
C LYS A 39 29.51 32.01 -5.44
N PHE A 40 28.54 32.55 -6.17
CA PHE A 40 27.26 32.94 -5.60
C PHE A 40 26.35 31.74 -5.46
N PRO A 41 25.29 31.88 -4.64
CA PRO A 41 24.36 30.78 -4.44
C PRO A 41 23.78 30.34 -5.78
N GLY A 42 23.58 31.30 -6.69
CA GLY A 42 23.06 31.03 -8.05
C GLY A 42 24.05 30.27 -8.93
N ASN A 43 25.30 30.23 -8.50
CA ASN A 43 26.36 29.41 -9.11
C ASN A 43 27.31 30.10 -10.06
N LYS A 44 27.03 31.36 -10.37
CA LYS A 44 27.95 32.11 -11.18
C LYS A 44 29.22 32.40 -10.39
N LEU A 45 30.34 32.46 -11.12
CA LEU A 45 31.63 32.76 -10.55
C LEU A 45 32.04 34.20 -10.82
N GLU A 46 32.75 34.79 -9.86
CA GLU A 46 33.26 36.14 -10.06
C GLU A 46 34.70 36.23 -9.59
N TYR A 47 35.56 36.74 -10.47
CA TYR A 47 36.93 36.99 -10.14
C TYR A 47 37.00 38.26 -9.29
N MET A 48 37.79 38.24 -8.22
CA MET A 48 37.78 39.41 -7.35
C MET A 48 39.03 40.24 -7.51
N GLY A 49 40.19 39.60 -7.56
CA GLY A 49 41.42 40.36 -7.68
C GLY A 49 42.64 39.58 -7.28
N TYR A 50 43.78 40.23 -7.27
CA TYR A 50 44.97 39.62 -6.73
C TYR A 50 45.94 40.58 -6.06
N ILE A 51 46.89 40.01 -5.37
CA ILE A 51 48.13 40.65 -4.99
C ILE A 51 49.15 39.77 -5.71
N SER A 52 50.02 40.41 -6.48
CA SER A 52 51.12 39.73 -7.14
C SER A 52 52.25 39.69 -6.15
N TYR A 53 53.29 38.93 -6.51
CA TYR A 53 54.38 38.66 -5.58
C TYR A 53 55.21 39.88 -5.16
N SER A 54 55.03 41.00 -5.85
CA SER A 54 55.71 42.25 -5.51
C SER A 54 54.87 43.10 -4.55
N GLY A 55 53.67 42.63 -4.22
CA GLY A 55 52.70 43.46 -3.49
C GLY A 55 51.90 44.35 -4.43
N SER A 56 51.91 43.98 -5.70
CA SER A 56 51.15 44.69 -6.73
C SER A 56 49.76 44.07 -6.80
N THR A 57 48.73 44.91 -6.71
CA THR A 57 47.32 44.47 -6.68
C THR A 57 46.51 44.74 -7.98
N TYR A 58 45.47 43.92 -8.20
CA TYR A 58 44.56 44.05 -9.35
C TYR A 58 43.14 43.70 -8.92
N TYR A 59 42.22 44.62 -9.14
CA TYR A 59 40.87 44.48 -8.64
C TYR A 59 39.84 44.40 -9.73
N ASN A 60 38.87 43.53 -9.56
CA ASN A 60 37.67 43.65 -10.34
C ASN A 60 37.14 45.09 -10.22
N LEU A 61 37.05 45.75 -11.37
CA LEU A 61 36.63 47.14 -11.45
C LEU A 61 35.42 47.53 -10.58
N SER A 62 34.37 46.72 -10.60
CA SER A 62 33.17 46.94 -9.80
C SER A 62 33.41 46.83 -8.29
N LEU A 63 34.49 46.18 -7.92
CA LEU A 63 34.82 45.98 -6.53
C LEU A 63 35.93 46.93 -6.14
N ARG A 64 36.49 47.63 -7.13
CA ARG A 64 37.60 48.56 -6.93
C ARG A 64 37.57 49.26 -5.59
N SER A 65 36.56 50.07 -5.35
CA SER A 65 36.57 50.84 -4.10
C SER A 65 36.13 50.05 -2.84
N ARG A 66 35.59 48.84 -3.00
CA ARG A 66 35.15 48.05 -1.84
C ARG A 66 36.21 47.05 -1.35
N ILE A 67 37.23 46.84 -2.14
CA ILE A 67 38.06 45.69 -1.93
C ILE A 67 39.48 46.06 -1.55
N SER A 68 40.06 45.31 -0.63
CA SER A 68 41.49 45.43 -0.43
C SER A 68 42.06 44.04 -0.50
N ILE A 69 43.28 43.95 -0.99
CA ILE A 69 44.01 42.71 -0.87
C ILE A 69 45.36 43.09 -0.32
N THR A 70 45.75 42.42 0.76
CA THR A 70 46.99 42.77 1.46
C THR A 70 47.71 41.48 1.74
N ARG A 71 48.98 41.58 2.08
CA ARG A 71 49.75 40.38 2.38
C ARG A 71 50.55 40.56 3.66
N ASP A 72 50.99 39.43 4.21
CA ASP A 72 52.04 39.42 5.20
C ASP A 72 53.16 38.52 4.70
N THR A 73 54.19 39.21 4.19
CA THR A 73 55.44 38.60 3.72
C THR A 73 55.99 37.50 4.64
N SER A 74 55.90 37.72 5.96
CA SER A 74 56.30 36.73 7.01
C SER A 74 55.41 35.48 7.02
N LYS A 75 54.14 35.65 7.38
CA LYS A 75 53.19 34.53 7.59
C LYS A 75 52.92 33.63 6.36
N ASN A 76 53.34 34.08 5.18
CA ASN A 76 52.98 33.43 3.92
C ASN A 76 51.44 33.27 3.79
N GLN A 77 50.76 34.35 4.10
CA GLN A 77 49.32 34.39 4.03
C GLN A 77 48.90 35.76 3.48
N TYR A 78 47.79 35.77 2.73
CA TYR A 78 47.23 37.03 2.19
C TYR A 78 45.78 37.20 2.58
N TYR A 79 45.33 38.45 2.59
CA TYR A 79 44.06 38.86 3.19
C TYR A 79 43.09 39.48 2.21
N LEU A 80 41.79 39.26 2.45
CA LEU A 80 40.77 39.95 1.68
C LEU A 80 39.94 40.77 2.62
N GLN A 81 39.84 42.07 2.35
CA GLN A 81 38.92 42.88 3.11
C GLN A 81 37.81 43.40 2.17
N LEU A 82 36.55 43.25 2.59
CA LEU A 82 35.43 43.70 1.76
C LEU A 82 34.43 44.54 2.58
N ASN A 83 34.41 45.85 2.35
CA ASN A 83 33.63 46.77 3.18
C ASN A 83 32.13 46.79 2.89
N SER A 84 31.34 47.23 3.88
CA SER A 84 29.97 47.66 3.67
C SER A 84 29.16 46.56 3.04
N VAL A 85 29.27 45.40 3.64
CA VAL A 85 28.75 44.17 3.09
C VAL A 85 27.22 44.13 2.98
N THR A 86 26.75 43.49 1.93
CA THR A 86 25.33 43.36 1.67
C THR A 86 24.98 41.91 1.42
N THR A 87 23.71 41.59 1.67
CA THR A 87 23.12 40.28 1.36
C THR A 87 23.59 39.63 0.04
N GLU A 88 23.90 40.44 -0.96
CA GLU A 88 24.45 39.91 -2.21
C GLU A 88 25.93 39.53 -2.19
N ASP A 89 26.61 39.77 -1.06
CA ASP A 89 27.96 39.29 -0.84
C ASP A 89 28.02 37.89 -0.25
N THR A 90 26.85 37.29 0.02
CA THR A 90 26.80 35.87 0.42
C THR A 90 27.34 35.07 -0.75
N ALA A 91 28.28 34.19 -0.45
CA ALA A 91 28.99 33.43 -1.49
C ALA A 91 29.93 32.47 -0.83
N THR A 92 30.40 31.49 -1.56
CA THR A 92 31.49 30.76 -1.00
C THR A 92 32.76 31.34 -1.65
N TYR A 93 33.69 31.80 -0.81
CA TYR A 93 34.86 32.51 -1.25
C TYR A 93 36.08 31.59 -1.35
N TYR A 94 36.82 31.71 -2.45
CA TYR A 94 38.03 30.96 -2.66
C TYR A 94 39.26 31.89 -2.85
N CYS A 95 40.38 31.51 -2.24
CA CYS A 95 41.71 31.99 -2.67
C CYS A 95 42.30 30.98 -3.65
N ALA A 96 43.14 31.45 -4.58
CA ALA A 96 43.73 30.55 -5.59
C ALA A 96 44.91 31.17 -6.30
N LEU A 97 45.71 30.29 -6.87
CA LEU A 97 47.02 30.67 -7.32
C LEU A 97 47.17 30.60 -8.82
N ILE A 98 47.91 31.55 -9.36
CA ILE A 98 48.37 31.49 -10.75
C ILE A 98 49.92 31.41 -10.79
N THR A 99 50.45 30.27 -11.27
CA THR A 99 51.88 30.07 -11.48
C THR A 99 52.23 30.46 -12.92
N THR A 100 53.44 30.99 -13.10
CA THR A 100 54.08 31.13 -14.41
C THR A 100 54.00 29.84 -15.24
N THR A 101 53.87 28.68 -14.60
CA THR A 101 53.82 27.40 -15.31
C THR A 101 52.63 27.29 -16.26
N THR A 102 51.47 27.84 -15.85
CA THR A 102 50.22 27.66 -16.62
C THR A 102 49.59 28.96 -17.10
N TYR A 103 49.90 30.05 -16.40
CA TYR A 103 49.20 31.33 -16.52
C TYR A 103 47.67 31.23 -16.27
N ALA A 104 47.20 30.05 -15.84
CA ALA A 104 45.80 29.83 -15.45
C ALA A 104 45.66 29.68 -13.92
N MET A 105 44.44 29.62 -13.41
CA MET A 105 44.25 29.50 -11.96
C MET A 105 44.35 28.03 -11.57
N ASP A 106 45.54 27.61 -11.14
CA ASP A 106 45.84 26.17 -10.98
C ASP A 106 45.75 25.54 -9.58
N TYR A 107 45.88 26.36 -8.55
CA TYR A 107 45.82 25.81 -7.20
C TYR A 107 44.71 26.46 -6.43
N TRP A 108 43.77 25.62 -6.01
CA TRP A 108 42.57 26.10 -5.37
C TRP A 108 42.43 25.67 -3.92
N GLY A 109 42.31 26.66 -3.02
CA GLY A 109 41.79 26.43 -1.67
C GLY A 109 40.39 25.81 -1.69
N GLN A 110 39.97 25.21 -0.58
CA GLN A 110 38.71 24.46 -0.58
C GLN A 110 37.50 25.39 -0.61
N GLY A 111 37.72 26.67 -0.34
CA GLY A 111 36.64 27.64 -0.25
C GLY A 111 36.10 27.72 1.16
N THR A 112 35.49 28.85 1.49
CA THR A 112 34.84 29.05 2.77
C THR A 112 33.57 29.88 2.58
N SER A 113 32.46 29.30 3.01
CA SER A 113 31.19 29.94 2.93
C SER A 113 31.15 31.16 3.85
N VAL A 114 30.67 32.29 3.36
CA VAL A 114 30.29 33.39 4.23
C VAL A 114 28.82 33.77 3.98
N THR A 115 27.99 33.82 5.02
CA THR A 115 26.62 34.30 4.84
C THR A 115 26.46 35.70 5.41
N VAL A 116 26.03 36.65 4.59
CA VAL A 116 25.71 37.99 5.07
C VAL A 116 24.25 38.02 5.44
N SER A 117 23.98 38.12 6.73
CA SER A 117 22.62 38.04 7.27
C SER A 117 22.57 38.50 8.70
N SER A 118 21.44 39.10 9.06
CA SER A 118 21.25 39.66 10.39
C SER A 118 20.52 38.64 11.24
N ALA A 119 20.44 37.41 10.77
CA ALA A 119 19.95 36.33 11.63
C ALA A 119 21.08 35.86 12.55
N LYS A 120 20.73 34.93 13.43
CA LYS A 120 21.62 34.58 14.50
C LYS A 120 22.02 33.12 14.50
N THR A 121 23.32 32.90 14.59
CA THR A 121 23.90 31.59 14.66
C THR A 121 23.08 30.71 15.58
N THR A 122 22.66 29.57 15.05
CA THR A 122 22.06 28.56 15.90
C THR A 122 22.78 27.28 15.63
N PRO A 123 23.19 26.56 16.67
CA PRO A 123 23.89 25.32 16.39
C PRO A 123 22.91 24.21 15.98
N PRO A 124 23.39 23.11 15.38
CA PRO A 124 22.40 22.11 14.95
C PRO A 124 22.01 21.18 16.07
N SER A 125 20.96 20.40 15.89
CA SER A 125 20.73 19.20 16.73
C SER A 125 21.01 17.98 15.84
N VAL A 126 21.67 16.98 16.39
CA VAL A 126 21.99 15.83 15.61
C VAL A 126 21.25 14.62 16.15
N TYR A 127 20.56 13.91 15.27
CA TYR A 127 19.76 12.77 15.68
C TYR A 127 20.15 11.56 14.86
N PRO A 128 20.42 10.43 15.53
CA PRO A 128 20.74 9.15 14.89
C PRO A 128 19.54 8.61 14.13
N LEU A 129 19.74 8.00 12.97
CA LEU A 129 18.62 7.49 12.21
C LEU A 129 18.86 6.03 11.98
N ALA A 130 18.09 5.22 12.72
CA ALA A 130 18.25 3.76 12.83
C ALA A 130 16.98 3.10 12.34
N PRO A 131 17.10 1.92 11.71
CA PRO A 131 15.93 1.19 11.18
C PRO A 131 14.88 0.86 12.23
N GLY A 132 13.63 0.76 11.78
CA GLY A 132 12.48 0.59 12.69
C GLY A 132 12.27 -0.82 13.25
N ASN A 138 17.53 -7.84 4.62
CA ASN A 138 18.40 -7.66 3.47
C ASN A 138 19.92 -7.66 3.79
N SER A 139 20.72 -8.02 2.79
CA SER A 139 22.19 -7.98 2.84
C SER A 139 22.74 -6.56 3.05
N MET A 140 22.13 -5.57 2.37
CA MET A 140 22.50 -4.16 2.59
C MET A 140 21.63 -3.46 3.63
N VAL A 141 22.27 -2.67 4.48
CA VAL A 141 21.53 -1.83 5.43
C VAL A 141 21.82 -0.33 5.30
N THR A 142 20.78 0.49 5.51
CA THR A 142 20.86 1.94 5.34
C THR A 142 20.62 2.67 6.65
N LEU A 143 21.60 3.48 7.06
CA LEU A 143 21.52 4.34 8.24
C LEU A 143 21.65 5.82 7.86
N GLY A 144 21.24 6.71 8.78
CA GLY A 144 21.34 8.12 8.52
C GLY A 144 21.59 8.98 9.73
N CYS A 145 21.81 10.27 9.48
CA CYS A 145 21.92 11.30 10.51
C CYS A 145 21.07 12.45 10.02
N LEU A 146 20.30 12.99 10.95
CA LEU A 146 19.49 14.13 10.72
C LEU A 146 20.18 15.25 11.45
N VAL A 147 20.38 16.35 10.73
CA VAL A 147 21.06 17.53 11.28
C VAL A 147 20.08 18.70 11.19
N LYS A 148 19.42 18.98 12.31
CA LYS A 148 18.27 19.83 12.30
C LYS A 148 18.46 21.14 13.07
N GLY A 149 18.07 22.22 12.41
CA GLY A 149 17.80 23.48 13.11
C GLY A 149 18.93 24.46 13.30
N TYR A 150 19.78 24.62 12.28
CA TYR A 150 21.00 25.43 12.36
C TYR A 150 21.09 26.58 11.37
N PHE A 151 22.15 27.35 11.56
CA PHE A 151 22.38 28.59 10.83
C PHE A 151 23.72 29.16 11.26
N PRO A 152 24.46 29.79 10.32
CA PRO A 152 24.21 29.69 8.88
C PRO A 152 24.82 28.42 8.37
N GLU A 153 24.76 28.20 7.05
CA GLU A 153 25.55 27.16 6.44
C GLU A 153 27.02 27.52 6.72
N PRO A 154 27.94 26.54 6.61
CA PRO A 154 27.79 25.14 6.23
C PRO A 154 27.84 24.17 7.38
N VAL A 155 27.66 22.90 7.04
CA VAL A 155 27.81 21.77 7.95
C VAL A 155 28.58 20.70 7.17
N THR A 156 29.60 20.09 7.79
CA THR A 156 30.18 18.91 7.18
C THR A 156 29.75 17.71 7.98
N VAL A 157 29.76 16.55 7.35
CA VAL A 157 29.30 15.31 7.93
C VAL A 157 30.19 14.22 7.40
N THR A 158 30.64 13.34 8.27
CA THR A 158 31.44 12.21 7.83
C THR A 158 30.99 11.00 8.58
N TRP A 159 31.41 9.84 8.08
CA TRP A 159 31.12 8.57 8.72
C TRP A 159 32.39 7.85 9.13
N ASN A 160 32.46 7.48 10.41
CA ASN A 160 33.65 6.87 11.00
C ASN A 160 34.92 7.61 10.55
N SER A 161 34.96 8.90 10.89
CA SER A 161 36.06 9.82 10.55
C SER A 161 36.53 9.83 9.09
N GLY A 162 35.66 9.38 8.19
CA GLY A 162 35.98 9.42 6.77
C GLY A 162 36.42 8.09 6.22
N SER A 163 36.47 7.08 7.08
CA SER A 163 36.98 5.78 6.68
C SER A 163 35.89 5.09 5.87
N LEU A 164 34.67 5.37 6.27
CA LEU A 164 33.46 4.96 5.56
C LEU A 164 33.13 6.12 4.62
N SER A 165 33.03 5.89 3.34
CA SER A 165 32.74 7.00 2.44
C SER A 165 32.04 6.63 1.16
N SER A 166 32.23 5.39 0.72
CA SER A 166 31.69 4.98 -0.56
C SER A 166 30.16 5.05 -0.64
N GLY A 167 29.46 4.63 0.41
CA GLY A 167 28.02 4.45 0.25
C GLY A 167 27.14 5.54 0.79
N VAL A 168 27.62 6.78 0.71
CA VAL A 168 27.11 7.89 1.51
C VAL A 168 26.41 8.95 0.70
N HIS A 169 25.21 9.33 1.11
CA HIS A 169 24.57 10.52 0.56
C HIS A 169 24.38 11.57 1.62
N THR A 170 25.00 12.72 1.40
CA THR A 170 24.77 13.89 2.22
C THR A 170 24.01 14.92 1.39
N PHE A 171 22.80 15.21 1.82
CA PHE A 171 21.86 16.02 1.05
C PHE A 171 22.05 17.50 1.27
N PRO A 172 21.72 18.33 0.26
CA PRO A 172 21.94 19.74 0.52
C PRO A 172 20.97 20.25 1.57
N ALA A 173 21.38 21.23 2.36
CA ALA A 173 20.51 21.81 3.37
C ALA A 173 19.33 22.53 2.73
N VAL A 174 18.28 22.69 3.51
CA VAL A 174 17.10 23.37 3.06
C VAL A 174 16.67 24.36 4.13
N LEU A 175 16.50 25.59 3.74
CA LEU A 175 16.10 26.60 4.67
C LEU A 175 14.58 26.56 4.86
N GLN A 176 14.13 26.74 6.11
CA GLN A 176 12.72 26.95 6.44
C GLN A 176 12.61 27.70 7.79
N SER A 177 11.91 28.83 7.77
CA SER A 177 11.78 29.64 8.98
C SER A 177 13.15 29.90 9.55
N ASP A 178 14.04 30.42 8.69
CA ASP A 178 15.32 31.00 9.10
C ASP A 178 16.37 29.99 9.61
N LEU A 179 16.04 28.70 9.55
CA LEU A 179 16.91 27.61 10.04
C LEU A 179 17.12 26.51 9.00
N TYR A 180 18.26 25.85 9.03
CA TYR A 180 18.56 24.83 8.02
C TYR A 180 18.39 23.43 8.58
N THR A 181 18.02 22.49 7.72
CA THR A 181 18.04 21.09 8.07
C THR A 181 18.71 20.35 6.94
N LEU A 182 19.32 19.22 7.26
CA LEU A 182 20.14 18.47 6.33
C LEU A 182 20.16 17.05 6.84
N SER A 183 20.38 16.08 5.96
CA SER A 183 20.52 14.69 6.42
C SER A 183 21.55 13.99 5.61
N SER A 184 22.00 12.86 6.11
CA SER A 184 23.03 12.10 5.45
C SER A 184 22.77 10.61 5.62
N SER A 185 22.94 9.87 4.55
CA SER A 185 22.63 8.44 4.59
C SER A 185 23.89 7.66 4.33
N VAL A 186 23.97 6.48 4.91
CA VAL A 186 25.08 5.60 4.64
C VAL A 186 24.56 4.18 4.58
N THR A 187 25.15 3.40 3.69
CA THR A 187 24.66 2.08 3.41
C THR A 187 25.81 1.08 3.50
N VAL A 188 25.69 0.17 4.46
CA VAL A 188 26.75 -0.80 4.73
C VAL A 188 26.23 -2.23 4.61
N PRO A 189 27.14 -3.23 4.63
CA PRO A 189 26.71 -4.60 4.81
C PRO A 189 26.04 -4.73 6.15
N SER A 190 24.88 -5.39 6.16
CA SER A 190 24.09 -5.53 7.37
C SER A 190 24.74 -6.56 8.29
N SER A 191 26.03 -6.79 8.05
CA SER A 191 26.86 -7.57 8.94
C SER A 191 28.16 -6.82 9.26
N THR A 192 28.21 -5.51 8.93
CA THR A 192 29.29 -4.66 9.44
C THR A 192 28.65 -3.63 10.39
N TRP A 193 27.37 -3.88 10.67
CA TRP A 193 26.60 -3.13 11.66
C TRP A 193 25.37 -3.96 12.00
N PRO A 194 25.05 -4.08 13.31
CA PRO A 194 25.80 -3.53 14.46
C PRO A 194 27.02 -4.37 14.93
N SER A 195 27.47 -5.29 14.08
CA SER A 195 28.68 -6.11 14.34
C SER A 195 29.89 -5.17 14.50
N GLU A 196 29.79 -3.99 13.88
CA GLU A 196 30.79 -2.94 14.02
C GLU A 196 30.11 -1.57 14.08
N THR A 197 30.50 -0.79 15.07
CA THR A 197 30.06 0.60 15.23
C THR A 197 30.10 1.40 13.93
N VAL A 198 29.07 2.22 13.72
CA VAL A 198 29.08 3.27 12.71
C VAL A 198 28.58 4.60 13.28
N THR A 199 29.38 5.63 13.04
CA THR A 199 29.24 6.92 13.70
C THR A 199 29.24 8.02 12.67
N CYS A 200 28.39 9.01 12.89
CA CYS A 200 28.38 10.18 12.05
C CYS A 200 29.04 11.31 12.80
N ASN A 201 29.76 12.14 12.06
CA ASN A 201 30.58 13.19 12.63
C ASN A 201 30.13 14.48 12.03
N VAL A 202 29.29 15.19 12.75
CA VAL A 202 28.81 16.46 12.29
C VAL A 202 29.69 17.59 12.86
N ALA A 203 29.91 18.62 12.04
CA ALA A 203 30.65 19.81 12.40
C ALA A 203 29.88 21.04 11.91
N HIS A 204 29.78 22.05 12.76
CA HIS A 204 29.18 23.32 12.41
C HIS A 204 30.10 24.40 12.99
N PRO A 205 31.21 24.68 12.28
CA PRO A 205 32.27 25.57 12.83
C PRO A 205 31.71 26.89 13.37
N ALA A 206 30.79 27.55 12.64
CA ALA A 206 30.14 28.80 13.06
C ALA A 206 29.71 28.93 14.53
N SER A 207 29.25 27.83 15.10
CA SER A 207 28.70 27.73 16.45
C SER A 207 29.63 26.81 17.21
N SER A 208 30.81 26.60 16.65
CA SER A 208 31.82 25.70 17.23
C SER A 208 31.28 24.36 17.73
N THR A 209 30.41 23.73 16.95
CA THR A 209 29.86 22.42 17.31
C THR A 209 30.54 21.30 16.53
N LYS A 210 30.80 20.21 17.24
CA LYS A 210 31.51 19.05 16.77
C LYS A 210 30.80 17.92 17.50
N VAL A 211 30.09 17.04 16.77
CA VAL A 211 29.24 16.00 17.39
C VAL A 211 29.46 14.62 16.77
N ASP A 212 29.70 13.62 17.61
CA ASP A 212 29.73 12.27 17.11
C ASP A 212 28.45 11.56 17.60
N LYS A 213 27.79 10.85 16.69
CA LYS A 213 26.64 10.07 17.08
C LYS A 213 26.73 8.63 16.58
N LYS A 214 26.71 7.72 17.54
CA LYS A 214 26.74 6.30 17.26
C LYS A 214 25.33 5.89 16.88
N ILE A 215 25.22 5.13 15.79
CA ILE A 215 23.92 4.67 15.36
C ILE A 215 23.64 3.42 16.13
N VAL A 216 22.71 3.54 17.07
CA VAL A 216 22.36 2.46 17.98
C VAL A 216 21.07 1.83 17.51
N PRO A 217 21.04 0.49 17.44
CA PRO A 217 19.84 -0.26 17.01
C PRO A 217 18.55 0.01 17.80
N ARG A 218 17.46 -0.59 17.33
CA ARG A 218 16.11 -0.50 17.93
C ARG A 218 15.57 0.94 17.99
N ASN B 1 32.10 42.44 -22.84
CA ASN B 1 32.94 43.61 -22.44
C ASN B 1 34.26 43.35 -21.77
N ILE B 2 34.74 42.11 -21.63
CA ILE B 2 34.39 40.88 -22.34
C ILE B 2 33.21 40.13 -21.73
N VAL B 3 32.53 39.34 -22.54
CA VAL B 3 31.64 38.36 -22.01
C VAL B 3 32.02 37.05 -22.64
N LEU B 4 32.15 36.03 -21.80
CA LEU B 4 32.26 34.65 -22.28
C LEU B 4 30.88 34.01 -22.30
N THR B 5 30.53 33.32 -23.37
CA THR B 5 29.24 32.69 -23.44
C THR B 5 29.42 31.24 -23.83
N GLN B 6 29.01 30.36 -22.92
CA GLN B 6 29.16 28.94 -23.14
C GLN B 6 27.93 28.43 -23.84
N SER B 7 28.05 27.28 -24.48
CA SER B 7 26.95 26.57 -25.07
C SER B 7 27.24 25.07 -25.15
N PRO B 8 26.20 24.23 -25.01
CA PRO B 8 24.84 24.63 -24.70
C PRO B 8 24.77 24.95 -23.21
N VAL B 9 23.56 25.23 -22.73
CA VAL B 9 23.39 25.52 -21.32
C VAL B 9 23.55 24.23 -20.50
N SER B 10 22.98 23.14 -21.01
CA SER B 10 23.11 21.83 -20.43
C SER B 10 23.02 20.80 -21.55
N LEU B 11 23.77 19.69 -21.37
CA LEU B 11 23.66 18.48 -22.19
C LEU B 11 23.72 17.14 -21.42
N ALA B 12 23.16 16.10 -22.05
CA ALA B 12 23.11 14.76 -21.48
C ALA B 12 23.80 13.74 -22.37
N VAL B 13 24.91 13.19 -21.91
CA VAL B 13 25.70 12.27 -22.70
C VAL B 13 25.73 10.85 -22.08
N SER B 14 25.61 9.83 -22.96
CA SER B 14 25.76 8.44 -22.56
C SER B 14 27.20 8.13 -22.23
N LEU B 15 27.39 7.25 -21.23
CA LEU B 15 28.70 6.73 -20.84
C LEU B 15 29.33 6.21 -22.10
N GLY B 16 30.57 6.66 -22.35
CA GLY B 16 31.29 6.29 -23.57
C GLY B 16 31.27 7.34 -24.68
N GLN B 17 30.16 8.08 -24.79
CA GLN B 17 30.00 9.05 -25.89
C GLN B 17 30.63 10.44 -25.69
N ARG B 18 30.30 11.39 -26.57
CA ARG B 18 31.08 12.61 -26.70
C ARG B 18 30.34 13.82 -26.14
N ALA B 19 31.03 14.62 -25.35
CA ALA B 19 30.49 15.87 -24.91
C ALA B 19 31.28 16.98 -25.55
N THR B 20 30.59 17.99 -26.09
CA THR B 20 31.32 19.16 -26.55
C THR B 20 30.61 20.42 -26.09
N ILE B 21 31.40 21.32 -25.53
CA ILE B 21 30.94 22.53 -24.87
C ILE B 21 31.71 23.70 -25.46
N SER B 22 30.95 24.69 -25.93
CA SER B 22 31.49 25.88 -26.57
C SER B 22 31.72 27.03 -25.58
N CYS B 23 32.69 27.88 -25.87
CA CYS B 23 32.86 29.11 -25.17
C CYS B 23 33.22 30.14 -26.23
N ARG B 24 32.31 31.09 -26.46
CA ARG B 24 32.63 32.26 -27.28
C ARG B 24 32.98 33.47 -26.43
N ALA B 25 34.05 34.15 -26.82
CA ALA B 25 34.44 35.41 -26.22
C ALA B 25 34.00 36.61 -27.05
N SER B 26 33.73 37.69 -26.31
CA SER B 26 33.25 38.99 -26.77
C SER B 26 34.23 39.58 -27.76
N GLU B 27 35.51 39.41 -27.45
CA GLU B 27 36.63 39.95 -28.18
C GLU B 27 37.84 39.05 -27.92
N SER B 28 38.83 39.04 -28.81
CA SER B 28 39.94 38.06 -28.74
C SER B 28 40.65 37.99 -27.40
N VAL B 29 41.03 36.78 -27.01
CA VAL B 29 41.65 36.57 -25.72
C VAL B 29 43.10 36.24 -25.97
N ASP B 30 43.56 36.55 -27.17
CA ASP B 30 44.91 36.21 -27.58
C ASP B 30 45.96 37.21 -27.18
N GLY B 31 47.16 36.72 -26.90
CA GLY B 31 48.24 37.57 -26.50
C GLY B 31 49.52 36.79 -26.55
N TYR B 32 50.51 37.35 -27.24
CA TYR B 32 51.85 36.79 -27.25
C TYR B 32 51.85 35.37 -27.80
N GLY B 33 51.03 35.17 -28.85
CA GLY B 33 50.83 33.86 -29.48
C GLY B 33 50.31 32.81 -28.50
N ASN B 34 49.15 33.10 -27.92
CA ASN B 34 48.56 32.29 -26.85
C ASN B 34 47.14 32.76 -26.58
N SER B 35 46.25 31.81 -26.34
CA SER B 35 44.86 32.12 -25.99
C SER B 35 44.76 31.99 -24.49
N PHE B 36 44.42 33.10 -23.83
CA PHE B 36 44.31 33.11 -22.38
C PHE B 36 42.92 32.72 -21.90
N LEU B 37 42.51 31.53 -22.32
CA LEU B 37 41.23 30.96 -22.04
C LEU B 37 41.44 29.58 -21.43
N HIS B 38 40.94 29.38 -20.22
CA HIS B 38 41.21 28.16 -19.50
C HIS B 38 39.91 27.45 -19.10
N TRP B 39 39.94 26.12 -19.09
CA TRP B 39 38.76 25.34 -18.70
C TRP B 39 38.74 24.83 -17.23
N PHE B 40 37.54 24.66 -16.67
CA PHE B 40 37.39 24.19 -15.29
C PHE B 40 36.22 23.28 -15.12
N GLN B 41 36.34 22.36 -14.18
CA GLN B 41 35.26 21.46 -13.75
C GLN B 41 34.92 21.85 -12.32
N GLN B 42 33.64 21.94 -11.99
CA GLN B 42 33.24 22.13 -10.61
C GLN B 42 32.12 21.20 -10.19
N LYS B 43 32.32 20.57 -9.03
CA LYS B 43 31.30 19.71 -8.46
C LYS B 43 30.72 20.40 -7.24
N PRO B 44 29.46 20.08 -6.90
CA PRO B 44 28.88 20.65 -5.67
C PRO B 44 29.77 20.31 -4.48
N GLY B 45 29.87 21.26 -3.56
CA GLY B 45 30.68 21.09 -2.39
C GLY B 45 32.17 21.29 -2.55
N GLN B 46 32.69 21.34 -3.77
CA GLN B 46 34.14 21.58 -3.90
C GLN B 46 34.55 22.72 -4.83
N PRO B 47 35.84 23.05 -4.90
CA PRO B 47 36.14 24.18 -5.76
C PRO B 47 36.39 23.70 -7.22
N PRO B 48 36.45 24.62 -8.20
CA PRO B 48 36.77 24.23 -9.57
C PRO B 48 38.17 23.65 -9.71
N LYS B 49 38.28 22.54 -10.42
CA LYS B 49 39.58 21.93 -10.72
C LYS B 49 40.02 22.43 -12.09
N LEU B 50 41.22 23.00 -12.17
CA LEU B 50 41.80 23.35 -13.48
C LEU B 50 41.76 22.15 -14.43
N LEU B 51 41.16 22.33 -15.61
CA LEU B 51 41.05 21.25 -16.58
C LEU B 51 42.09 21.47 -17.67
N ILE B 52 41.86 22.50 -18.52
CA ILE B 52 42.74 22.88 -19.63
C ILE B 52 43.23 24.33 -19.55
N TYR B 53 44.53 24.52 -19.68
CA TYR B 53 45.11 25.87 -19.64
C TYR B 53 45.57 26.31 -21.02
N LEU B 54 45.65 27.63 -21.20
CA LEU B 54 45.96 28.24 -22.48
C LEU B 54 45.30 27.45 -23.60
N ALA B 55 43.98 27.34 -23.52
CA ALA B 55 43.17 26.76 -24.61
C ALA B 55 43.34 25.26 -24.87
N SER B 56 44.56 24.72 -24.77
CA SER B 56 44.86 23.37 -25.33
C SER B 56 45.78 22.47 -24.53
N ASN B 57 46.50 23.01 -23.57
CA ASN B 57 47.35 22.22 -22.69
C ASN B 57 46.57 21.62 -21.52
N LEU B 58 46.71 20.30 -21.31
CA LEU B 58 46.07 19.59 -20.19
C LEU B 58 46.83 19.80 -18.89
N ASN B 59 46.14 20.14 -17.82
CA ASN B 59 46.84 20.39 -16.53
C ASN B 59 47.37 19.08 -15.92
N SER B 60 48.50 19.18 -15.21
CA SER B 60 49.08 18.01 -14.50
C SER B 60 48.06 17.34 -13.60
N GLY B 61 48.01 16.01 -13.66
CA GLY B 61 47.02 15.23 -12.93
C GLY B 61 45.68 14.96 -13.61
N VAL B 62 45.39 15.65 -14.73
CA VAL B 62 44.05 15.56 -15.37
C VAL B 62 43.99 14.48 -16.44
N PRO B 63 42.92 13.67 -16.44
CA PRO B 63 42.75 12.65 -17.47
C PRO B 63 43.01 13.16 -18.88
N ALA B 64 42.95 12.27 -19.86
CA ALA B 64 43.17 12.64 -21.25
C ALA B 64 41.95 12.43 -22.15
N ARG B 65 40.82 12.07 -21.54
CA ARG B 65 39.50 12.06 -22.18
C ARG B 65 39.07 13.51 -22.48
N PHE B 66 39.91 14.44 -22.01
CA PHE B 66 39.63 15.87 -21.99
C PHE B 66 40.49 16.62 -22.95
N SER B 67 39.86 17.25 -23.93
CA SER B 67 40.62 17.97 -24.94
C SER B 67 40.09 19.41 -25.15
N GLY B 68 41.02 20.36 -25.33
CA GLY B 68 40.66 21.75 -25.61
C GLY B 68 41.16 22.37 -26.91
N SER B 69 40.25 22.63 -27.85
CA SER B 69 40.58 23.33 -29.11
C SER B 69 40.08 24.79 -29.18
N GLY B 70 40.57 25.53 -30.17
CA GLY B 70 40.05 26.85 -30.49
C GLY B 70 41.11 27.93 -30.37
N SER B 71 40.74 29.15 -30.73
CA SER B 71 41.75 30.19 -30.94
C SER B 71 41.48 31.59 -30.49
N ARG B 72 40.41 32.22 -30.92
CA ARG B 72 40.38 33.68 -30.69
C ARG B 72 39.26 34.09 -29.78
N THR B 73 38.07 33.93 -30.33
CA THR B 73 36.85 34.18 -29.67
C THR B 73 36.08 32.85 -29.65
N ASP B 74 36.75 31.76 -30.05
CA ASP B 74 36.02 30.54 -30.36
C ASP B 74 36.74 29.29 -29.85
N PHE B 75 36.20 28.70 -28.78
CA PHE B 75 36.87 27.62 -28.08
C PHE B 75 35.95 26.47 -27.76
N THR B 76 36.50 25.27 -27.70
CA THR B 76 35.70 24.08 -27.49
C THR B 76 36.43 23.12 -26.57
N LEU B 77 35.70 22.65 -25.56
CA LEU B 77 36.20 21.64 -24.65
C LEU B 77 35.45 20.40 -25.06
N THR B 78 36.19 19.32 -25.21
CA THR B 78 35.63 18.06 -25.66
C THR B 78 35.96 17.03 -24.60
N ILE B 79 34.96 16.25 -24.24
CA ILE B 79 35.14 15.16 -23.31
C ILE B 79 34.75 13.88 -24.04
N ASP B 80 35.78 13.07 -24.32
CA ASP B 80 35.63 11.89 -25.18
C ASP B 80 36.68 10.85 -24.81
N PRO B 81 36.22 9.66 -24.32
CA PRO B 81 34.81 9.30 -24.05
C PRO B 81 34.37 9.70 -22.65
N VAL B 82 33.09 10.07 -22.47
CA VAL B 82 32.60 10.45 -21.13
C VAL B 82 32.51 9.24 -20.22
N GLU B 83 33.07 9.40 -19.01
CA GLU B 83 32.89 8.48 -17.85
C GLU B 83 32.02 9.13 -16.75
N ALA B 84 31.54 8.31 -15.81
CA ALA B 84 30.67 8.74 -14.72
C ALA B 84 31.19 9.91 -13.80
N ASP B 85 32.50 10.04 -13.62
CA ASP B 85 33.04 11.10 -12.75
C ASP B 85 32.89 12.52 -13.36
N ASP B 86 32.34 12.60 -14.57
CA ASP B 86 32.35 13.85 -15.32
C ASP B 86 31.14 14.72 -15.16
N ALA B 87 30.07 14.15 -14.58
CA ALA B 87 28.89 14.93 -14.21
C ALA B 87 29.30 16.12 -13.35
N ALA B 88 29.02 17.32 -13.84
CA ALA B 88 29.55 18.53 -13.22
C ALA B 88 29.22 19.75 -14.07
N THR B 89 29.53 20.93 -13.56
CA THR B 89 29.42 22.14 -14.35
C THR B 89 30.83 22.50 -14.87
N TYR B 90 30.88 23.04 -16.08
CA TYR B 90 32.16 23.37 -16.66
C TYR B 90 32.22 24.86 -16.97
N TYR B 91 33.29 25.51 -16.57
CA TYR B 91 33.39 26.96 -16.77
C TYR B 91 34.60 27.28 -17.62
N CYS B 92 34.49 28.23 -18.54
CA CYS B 92 35.68 28.75 -19.16
C CYS B 92 36.04 30.03 -18.44
N GLN B 93 37.33 30.33 -18.38
CA GLN B 93 37.84 31.51 -17.70
C GLN B 93 38.72 32.26 -18.66
N GLN B 94 38.59 33.59 -18.73
CA GLN B 94 39.59 34.38 -19.47
C GLN B 94 40.27 35.32 -18.52
N ASN B 95 41.59 35.40 -18.62
CA ASN B 95 42.37 36.29 -17.76
C ASN B 95 43.42 37.11 -18.52
N ASN B 96 43.04 37.68 -19.65
CA ASN B 96 43.95 38.53 -20.39
C ASN B 96 43.36 39.89 -20.78
N VAL B 97 42.04 39.99 -20.79
CA VAL B 97 41.40 41.26 -21.03
C VAL B 97 40.63 41.79 -19.79
N ASP B 98 40.71 43.10 -19.59
CA ASP B 98 40.06 43.75 -18.45
C ASP B 98 38.55 43.78 -18.68
N PRO B 99 37.75 43.25 -17.73
CA PRO B 99 38.14 42.53 -16.55
C PRO B 99 37.95 41.03 -16.74
N TRP B 100 38.72 40.24 -15.99
CA TRP B 100 38.64 38.78 -15.95
C TRP B 100 37.23 38.25 -15.62
N THR B 101 36.81 37.21 -16.33
CA THR B 101 35.51 36.63 -16.15
C THR B 101 35.53 35.14 -16.39
N PHE B 102 34.41 34.54 -16.00
CA PHE B 102 34.12 33.15 -16.23
C PHE B 102 32.90 33.13 -17.11
N GLY B 103 32.67 32.05 -17.83
CA GLY B 103 31.37 31.90 -18.52
C GLY B 103 30.29 31.46 -17.54
N GLY B 104 29.05 31.42 -18.03
CA GLY B 104 27.91 31.05 -17.21
C GLY B 104 27.79 29.58 -16.84
N GLY B 105 28.76 28.76 -17.27
CA GLY B 105 28.75 27.33 -16.99
C GLY B 105 27.93 26.47 -17.94
N THR B 106 28.37 25.24 -18.13
CA THR B 106 27.55 24.21 -18.77
C THR B 106 27.40 22.99 -17.84
N LYS B 107 26.17 22.48 -17.72
CA LYS B 107 25.90 21.36 -16.83
C LYS B 107 25.92 19.99 -17.51
N LEU B 108 27.01 19.25 -17.39
CA LEU B 108 27.04 17.93 -17.99
C LEU B 108 26.34 16.89 -17.13
N GLU B 109 25.30 16.30 -17.70
CA GLU B 109 24.59 15.18 -17.13
C GLU B 109 24.88 13.89 -17.91
N ILE B 110 25.24 12.84 -17.19
CA ILE B 110 25.44 11.53 -17.82
C ILE B 110 24.08 10.87 -18.03
N LYS B 111 23.96 10.10 -19.11
CA LYS B 111 22.78 9.25 -19.31
C LYS B 111 23.13 7.80 -19.01
N ARG B 112 22.16 7.13 -18.42
CA ARG B 112 22.27 5.73 -18.03
C ARG B 112 20.88 5.11 -18.01
N ALA B 113 20.80 3.81 -17.76
CA ALA B 113 19.51 3.15 -17.81
C ALA B 113 18.66 3.55 -16.63
N ASP B 114 17.34 3.60 -16.85
CA ASP B 114 16.38 3.75 -15.76
C ASP B 114 16.77 2.86 -14.58
N ALA B 115 16.54 3.38 -13.37
CA ALA B 115 16.82 2.64 -12.13
C ALA B 115 15.85 3.00 -11.01
N ALA B 116 15.33 1.97 -10.35
CA ALA B 116 14.41 2.16 -9.22
C ALA B 116 15.13 2.55 -7.91
N PRO B 117 14.48 3.38 -7.08
CA PRO B 117 15.01 3.81 -5.78
C PRO B 117 14.92 2.80 -4.62
N THR B 118 16.01 2.63 -3.88
CA THR B 118 15.93 2.04 -2.56
C THR B 118 15.27 3.03 -1.60
N VAL B 119 14.21 2.61 -0.93
CA VAL B 119 13.52 3.48 0.01
C VAL B 119 13.72 2.95 1.39
N SER B 120 13.96 3.85 2.34
CA SER B 120 14.05 3.46 3.75
C SER B 120 13.39 4.50 4.63
N ILE B 121 12.71 4.03 5.67
CA ILE B 121 12.02 4.92 6.58
C ILE B 121 12.64 4.82 7.97
N PHE B 122 12.64 5.94 8.70
CA PHE B 122 13.26 5.97 10.02
C PHE B 122 12.33 6.66 11.01
N PRO B 123 12.04 5.96 12.13
CA PRO B 123 11.31 6.56 13.24
C PRO B 123 12.11 7.74 13.77
N PRO B 124 11.49 8.59 14.60
CA PRO B 124 12.26 9.65 15.26
C PRO B 124 13.18 9.04 16.28
N SER B 125 14.34 9.64 16.52
CA SER B 125 15.22 9.19 17.60
C SER B 125 14.58 9.42 18.96
N SER B 126 15.07 8.74 19.99
CA SER B 126 14.64 9.10 21.33
C SER B 126 15.22 10.45 21.81
N GLU B 127 16.44 10.78 21.38
CA GLU B 127 17.03 12.12 21.62
C GLU B 127 16.12 13.28 21.28
N GLN B 128 15.33 13.11 20.22
CA GLN B 128 14.59 14.22 19.69
C GLN B 128 13.30 14.28 20.45
N LEU B 129 12.92 13.11 20.96
CA LEU B 129 11.67 12.92 21.69
C LEU B 129 11.89 13.34 23.13
N THR B 130 13.12 13.16 23.62
CA THR B 130 13.52 13.76 24.89
C THR B 130 13.09 15.23 24.87
N SER B 131 13.38 15.95 23.79
CA SER B 131 12.92 17.31 23.61
C SER B 131 11.59 17.23 22.87
N GLY B 132 11.00 18.38 22.54
CA GLY B 132 9.59 18.39 22.11
C GLY B 132 9.14 17.79 20.78
N GLY B 133 10.09 17.28 19.99
CA GLY B 133 9.83 17.08 18.56
C GLY B 133 9.97 15.65 18.07
N ALA B 134 9.36 15.39 16.92
CA ALA B 134 9.44 14.08 16.28
C ALA B 134 9.55 14.26 14.77
N SER B 135 10.71 13.89 14.24
CA SER B 135 10.94 13.87 12.81
C SER B 135 11.07 12.43 12.28
N VAL B 136 10.37 12.20 11.18
CA VAL B 136 10.40 10.92 10.48
C VAL B 136 11.02 11.17 9.11
N VAL B 137 11.89 10.27 8.68
CA VAL B 137 12.74 10.51 7.50
C VAL B 137 12.69 9.36 6.52
N CYS B 138 12.53 9.67 5.24
CA CYS B 138 12.71 8.69 4.19
C CYS B 138 13.85 9.09 3.32
N PHE B 139 14.71 8.13 3.06
CA PHE B 139 15.68 8.28 1.99
C PHE B 139 15.17 7.55 0.77
N LEU B 140 15.18 8.25 -0.36
CA LEU B 140 14.95 7.61 -1.65
C LEU B 140 16.25 7.60 -2.38
N ASN B 141 16.91 6.45 -2.41
CA ASN B 141 18.29 6.45 -2.89
C ASN B 141 18.57 5.78 -4.21
N ASN B 142 19.57 6.32 -4.91
CA ASN B 142 20.14 5.76 -6.14
C ASN B 142 19.13 5.42 -7.25
N PHE B 143 18.34 6.41 -7.63
CA PHE B 143 17.42 6.25 -8.74
C PHE B 143 17.82 7.10 -9.96
N TYR B 144 17.36 6.63 -11.13
CA TYR B 144 17.47 7.39 -12.36
C TYR B 144 16.16 7.31 -13.15
N PRO B 145 15.72 8.43 -13.74
CA PRO B 145 16.25 9.78 -13.74
C PRO B 145 15.70 10.65 -12.61
N LYS B 146 16.29 11.83 -12.43
CA LYS B 146 15.99 12.75 -11.32
C LYS B 146 14.52 12.90 -10.92
N ASP B 147 13.63 13.00 -11.91
CA ASP B 147 12.22 13.24 -11.61
C ASP B 147 11.69 12.18 -10.63
N ILE B 148 10.88 12.60 -9.64
CA ILE B 148 10.37 11.71 -8.59
C ILE B 148 9.36 12.41 -7.69
N ASN B 149 8.50 11.66 -6.99
CA ASN B 149 7.53 12.27 -6.05
C ASN B 149 7.35 11.52 -4.72
N VAL B 150 7.07 12.23 -3.63
CA VAL B 150 6.85 11.56 -2.33
C VAL B 150 5.53 11.90 -1.64
N LYS B 151 4.87 10.92 -1.04
CA LYS B 151 3.66 11.22 -0.27
C LYS B 151 3.80 10.70 1.13
N TRP B 152 3.36 11.52 2.07
CA TRP B 152 3.37 11.09 3.43
C TRP B 152 1.95 10.76 3.84
N LYS B 153 1.79 9.63 4.52
CA LYS B 153 0.51 9.15 4.99
C LYS B 153 0.67 8.73 6.44
N ILE B 154 -0.20 9.25 7.29
CA ILE B 154 -0.21 8.93 8.70
C ILE B 154 -1.51 8.19 8.97
N ASP B 155 -1.42 7.16 9.81
CA ASP B 155 -2.52 6.24 10.04
C ASP B 155 -3.42 6.15 8.80
N GLY B 156 -2.79 6.10 7.63
CA GLY B 156 -3.48 6.07 6.36
C GLY B 156 -3.69 7.41 5.67
N SER B 157 -3.75 8.50 6.43
CA SER B 157 -4.11 9.77 5.83
C SER B 157 -2.93 10.70 5.46
N GLU B 158 -3.07 11.34 4.29
CA GLU B 158 -2.02 12.10 3.66
C GLU B 158 -1.40 13.21 4.54
N ASN B 161 2.29 19.58 4.81
CA ASN B 161 2.54 20.22 6.10
C ASN B 161 3.54 19.44 6.97
N GLY B 162 4.73 20.00 7.17
CA GLY B 162 5.73 19.42 8.07
C GLY B 162 6.87 18.70 7.37
N VAL B 163 6.80 18.70 6.04
CA VAL B 163 7.71 17.97 5.16
C VAL B 163 8.71 18.95 4.59
N LEU B 164 9.93 18.49 4.33
CA LEU B 164 10.99 19.32 3.78
C LEU B 164 11.85 18.44 2.87
N ASN B 165 11.91 18.81 1.59
CA ASN B 165 12.58 17.96 0.61
C ASN B 165 13.89 18.48 0.03
N SER B 166 14.88 17.59 -0.06
CA SER B 166 16.21 17.89 -0.63
C SER B 166 16.65 16.81 -1.63
N TRP B 167 17.38 17.22 -2.68
CA TRP B 167 17.86 16.36 -3.78
C TRP B 167 19.35 16.41 -3.96
N THR B 168 20.01 15.26 -4.07
CA THR B 168 21.43 15.25 -4.39
C THR B 168 21.63 15.58 -5.85
N ASP B 169 22.88 15.87 -6.18
CA ASP B 169 23.26 15.99 -7.57
C ASP B 169 23.70 14.59 -8.09
N GLN B 170 23.81 14.44 -9.40
CA GLN B 170 24.13 13.17 -9.99
C GLN B 170 25.39 12.60 -9.36
N ASP B 171 25.26 11.36 -8.87
CA ASP B 171 26.37 10.63 -8.29
C ASP B 171 27.58 10.47 -9.23
N SER B 172 28.78 10.54 -8.65
CA SER B 172 30.02 10.52 -9.42
C SER B 172 30.67 9.15 -9.59
N LYS B 173 29.88 8.08 -9.44
CA LYS B 173 30.36 6.71 -9.67
C LYS B 173 29.34 5.83 -10.34
N ASP B 174 28.07 6.08 -10.04
CA ASP B 174 27.01 5.29 -10.63
C ASP B 174 25.94 6.15 -11.33
N SER B 175 26.16 7.46 -11.38
CA SER B 175 25.25 8.39 -12.07
C SER B 175 23.82 8.35 -11.60
N THR B 176 23.58 8.07 -10.33
CA THR B 176 22.20 8.13 -9.84
C THR B 176 21.93 9.50 -9.20
N TYR B 177 20.65 9.76 -8.90
CA TYR B 177 20.25 10.84 -8.00
C TYR B 177 19.64 10.19 -6.78
N SER B 178 19.66 10.92 -5.67
CA SER B 178 18.94 10.53 -4.48
C SER B 178 18.21 11.71 -3.91
N MET B 179 17.31 11.43 -3.00
CA MET B 179 16.42 12.43 -2.47
C MET B 179 16.19 12.09 -1.02
N SER B 180 16.03 13.12 -0.20
CA SER B 180 15.69 12.93 1.21
C SER B 180 14.37 13.59 1.52
N SER B 181 13.56 12.96 2.36
CA SER B 181 12.34 13.62 2.81
C SER B 181 12.12 13.41 4.29
N THR B 182 11.66 14.45 4.97
CA THR B 182 11.56 14.46 6.43
C THR B 182 10.31 15.19 6.90
N LEU B 183 9.45 14.44 7.57
CA LEU B 183 8.22 14.99 8.08
C LEU B 183 8.45 15.40 9.51
N THR B 184 8.00 16.59 9.87
CA THR B 184 8.22 17.08 11.22
C THR B 184 6.91 17.38 11.94
N LEU B 185 6.89 17.03 13.23
CA LEU B 185 5.69 17.13 14.05
C LEU B 185 6.04 17.45 15.51
N THR B 186 5.01 17.51 16.37
CA THR B 186 5.21 17.63 17.82
C THR B 186 5.17 16.24 18.42
N LYS B 187 5.91 16.01 19.50
CA LYS B 187 5.92 14.73 20.22
C LYS B 187 4.52 14.26 20.59
N ASP B 188 3.62 15.21 20.85
CA ASP B 188 2.25 14.86 21.24
C ASP B 188 1.40 14.41 20.05
N GLU B 189 1.46 15.15 18.92
CA GLU B 189 0.74 14.82 17.64
C GLU B 189 1.21 13.53 16.95
N TYR B 190 2.52 13.28 16.98
CA TYR B 190 3.10 12.00 16.56
C TYR B 190 2.67 10.84 17.47
N GLU B 191 2.68 11.07 18.79
CA GLU B 191 2.22 10.06 19.76
C GLU B 191 0.73 9.70 19.61
N ARG B 192 -0.04 10.55 18.95
CA ARG B 192 -1.47 10.30 18.75
C ARG B 192 -1.77 9.33 17.60
N HIS B 193 -0.75 8.90 16.88
CA HIS B 193 -0.95 8.02 15.73
C HIS B 193 0.05 6.89 15.74
N ASN B 194 -0.25 5.86 14.95
CA ASN B 194 0.42 4.58 15.11
C ASN B 194 1.31 4.25 13.89
N SER B 195 0.67 4.15 12.73
CA SER B 195 1.30 3.82 11.47
C SER B 195 1.82 5.10 10.75
N TYR B 196 2.99 4.98 10.10
CA TYR B 196 3.60 6.09 9.35
C TYR B 196 4.22 5.58 8.06
N THR B 197 4.05 6.36 6.98
CA THR B 197 4.31 5.86 5.63
C THR B 197 4.74 6.93 4.65
N CYS B 198 5.77 6.63 3.87
CA CYS B 198 6.13 7.43 2.72
C CYS B 198 6.10 6.55 1.48
N GLU B 199 5.62 7.16 0.40
CA GLU B 199 5.43 6.49 -0.87
C GLU B 199 6.21 7.23 -1.94
N ALA B 200 7.08 6.50 -2.60
CA ALA B 200 7.90 7.04 -3.65
C ALA B 200 7.32 6.59 -4.96
N THR B 201 7.07 7.52 -5.86
CA THR B 201 6.68 7.16 -7.22
C THR B 201 7.61 7.76 -8.29
N HIS B 202 7.90 6.97 -9.31
CA HIS B 202 8.98 7.26 -10.25
C HIS B 202 8.67 6.62 -11.61
N LYS B 203 9.25 7.16 -12.68
CA LYS B 203 9.08 6.64 -14.04
C LYS B 203 9.25 5.13 -14.11
N THR B 204 10.21 4.64 -13.35
CA THR B 204 10.74 3.27 -13.43
C THR B 204 9.68 2.16 -13.23
N SER B 205 8.68 2.45 -12.42
CA SER B 205 7.63 1.49 -12.21
C SER B 205 6.36 2.26 -12.42
N THR B 206 5.33 1.54 -12.83
CA THR B 206 3.99 2.11 -12.97
C THR B 206 3.49 2.53 -11.58
N SER B 207 3.89 1.75 -10.55
CA SER B 207 3.33 1.90 -9.19
C SER B 207 4.34 2.25 -8.07
N PRO B 208 3.86 2.96 -7.04
CA PRO B 208 4.68 3.50 -5.96
C PRO B 208 5.36 2.46 -5.06
N ILE B 209 6.63 2.73 -4.69
CA ILE B 209 7.36 1.92 -3.70
C ILE B 209 7.00 2.46 -2.32
N VAL B 210 6.77 1.55 -1.38
CA VAL B 210 6.11 1.95 -0.16
C VAL B 210 6.79 1.42 1.08
N LYS B 211 7.19 2.36 1.93
CA LYS B 211 7.81 2.01 3.18
C LYS B 211 7.00 2.63 4.30
N SER B 212 7.03 1.95 5.44
CA SER B 212 6.08 2.14 6.54
C SER B 212 6.60 1.53 7.84
N PHE B 213 5.96 1.91 8.93
CA PHE B 213 6.12 1.20 10.22
C PHE B 213 4.98 1.65 11.11
N ASN B 214 4.81 0.96 12.24
CA ASN B 214 3.94 1.42 13.33
C ASN B 214 4.76 1.81 14.54
N ARG B 215 4.60 3.06 14.97
CA ARG B 215 5.13 3.61 16.25
C ARG B 215 5.47 2.56 17.33
N VAL C 2 -39.31 -43.78 2.94
CA VAL C 2 -39.80 -42.71 1.99
C VAL C 2 -38.90 -41.47 1.98
N GLN C 3 -38.33 -41.19 0.80
CA GLN C 3 -37.27 -40.20 0.63
C GLN C 3 -37.20 -39.68 -0.80
N LEU C 4 -37.63 -38.44 -1.03
CA LEU C 4 -37.53 -37.75 -2.34
C LEU C 4 -36.13 -37.23 -2.62
N GLN C 5 -35.89 -36.73 -3.82
CA GLN C 5 -34.54 -36.35 -4.24
C GLN C 5 -34.49 -35.75 -5.64
N GLU C 6 -34.07 -34.49 -5.72
CA GLU C 6 -34.01 -33.75 -6.98
C GLU C 6 -32.72 -34.08 -7.71
N SER C 7 -32.74 -33.89 -9.03
CA SER C 7 -31.58 -34.11 -9.89
C SER C 7 -31.85 -33.46 -11.24
N GLY C 8 -30.79 -33.17 -11.98
CA GLY C 8 -30.87 -32.40 -13.23
C GLY C 8 -29.83 -31.28 -13.27
N PRO C 9 -29.73 -30.57 -14.42
CA PRO C 9 -28.66 -29.58 -14.60
C PRO C 9 -28.83 -28.35 -13.71
N SER C 10 -27.76 -27.93 -13.03
CA SER C 10 -27.82 -26.77 -12.11
C SER C 10 -27.63 -25.39 -12.80
N LEU C 11 -27.58 -25.39 -14.12
CA LEU C 11 -27.42 -24.17 -14.90
C LEU C 11 -28.01 -24.34 -16.31
N VAL C 12 -28.65 -23.29 -16.81
CA VAL C 12 -29.36 -23.32 -18.09
C VAL C 12 -29.33 -21.92 -18.74
N LYS C 13 -29.05 -21.89 -20.05
CA LYS C 13 -29.08 -20.67 -20.85
C LYS C 13 -30.44 -20.04 -20.70
N PRO C 14 -30.49 -18.70 -20.60
CA PRO C 14 -31.75 -17.96 -20.72
C PRO C 14 -32.61 -18.48 -21.88
N SER C 15 -33.93 -18.34 -21.72
CA SER C 15 -34.92 -18.66 -22.77
C SER C 15 -34.88 -20.11 -23.29
N GLN C 16 -34.04 -20.96 -22.69
CA GLN C 16 -34.17 -22.38 -22.88
C GLN C 16 -35.06 -23.02 -21.79
N THR C 17 -34.88 -24.32 -21.59
CA THR C 17 -35.85 -25.16 -20.91
C THR C 17 -35.22 -25.96 -19.78
N LEU C 18 -35.55 -25.56 -18.56
CA LEU C 18 -35.15 -26.26 -17.36
C LEU C 18 -35.90 -27.57 -17.17
N SER C 19 -35.15 -28.66 -17.18
CA SER C 19 -35.69 -29.97 -16.89
C SER C 19 -35.17 -30.49 -15.53
N LEU C 20 -36.09 -30.94 -14.68
CA LEU C 20 -35.71 -31.53 -13.40
C LEU C 20 -36.51 -32.75 -13.00
N THR C 21 -35.94 -33.51 -12.06
CA THR C 21 -36.41 -34.85 -11.79
C THR C 21 -36.38 -35.20 -10.30
N CYS C 22 -37.55 -35.52 -9.75
CA CYS C 22 -37.61 -36.05 -8.39
C CYS C 22 -37.73 -37.58 -8.41
N SER C 23 -36.76 -38.26 -7.81
CA SER C 23 -36.74 -39.72 -7.71
C SER C 23 -37.22 -40.15 -6.33
N VAL C 24 -38.11 -41.15 -6.28
CA VAL C 24 -38.70 -41.56 -5.02
C VAL C 24 -38.34 -43.00 -4.59
N THR C 25 -37.97 -43.16 -3.33
CA THR C 25 -37.70 -44.46 -2.71
C THR C 25 -38.84 -44.79 -1.73
N GLY C 26 -38.68 -45.87 -0.96
CA GLY C 26 -39.48 -46.15 0.24
C GLY C 26 -41.01 -46.27 0.15
N ASP C 27 -41.63 -45.55 -0.78
CA ASP C 27 -43.07 -45.49 -0.92
C ASP C 27 -43.37 -45.33 -2.41
N SER C 28 -44.64 -45.45 -2.79
CA SER C 28 -45.00 -45.55 -4.20
C SER C 28 -45.91 -44.42 -4.68
N ILE C 29 -45.58 -43.85 -5.84
CA ILE C 29 -46.22 -42.63 -6.32
C ILE C 29 -47.63 -42.82 -6.93
N THR C 30 -48.42 -43.69 -6.30
CA THR C 30 -49.78 -44.02 -6.78
C THR C 30 -50.76 -44.20 -5.62
N TYR C 33 -50.01 -37.03 -3.95
CA TYR C 33 -49.77 -35.67 -4.46
C TYR C 33 -48.29 -35.21 -4.43
N TRP C 34 -47.74 -35.04 -5.63
CA TRP C 34 -46.31 -34.88 -5.86
C TRP C 34 -46.03 -33.50 -6.44
N ASN C 35 -45.37 -32.68 -5.64
CA ASN C 35 -45.27 -31.27 -5.93
C ASN C 35 -43.84 -30.77 -6.27
N TRP C 36 -43.79 -29.58 -6.85
CA TRP C 36 -42.56 -28.82 -6.90
C TRP C 36 -42.79 -27.46 -6.22
N ILE C 37 -41.80 -27.03 -5.45
CA ILE C 37 -41.75 -25.68 -4.86
C ILE C 37 -40.39 -25.07 -5.22
N ARG C 38 -40.31 -23.74 -5.25
CA ARG C 38 -39.01 -23.10 -5.32
C ARG C 38 -38.75 -21.98 -4.29
N LYS C 39 -37.46 -21.79 -3.99
CA LYS C 39 -37.01 -20.70 -3.12
C LYS C 39 -36.24 -19.68 -3.96
N PHE C 40 -36.75 -18.46 -4.07
CA PHE C 40 -35.98 -17.38 -4.68
C PHE C 40 -34.78 -16.98 -3.78
N PRO C 41 -33.70 -16.40 -4.36
CA PRO C 41 -32.53 -16.21 -3.45
C PRO C 41 -32.86 -15.20 -2.35
N GLY C 42 -33.78 -14.27 -2.63
CA GLY C 42 -34.37 -13.39 -1.61
C GLY C 42 -35.16 -14.16 -0.54
N ASN C 43 -35.32 -15.47 -0.75
CA ASN C 43 -35.93 -16.39 0.24
C ASN C 43 -37.46 -16.68 0.13
N LYS C 44 -38.21 -15.87 -0.63
CA LYS C 44 -39.63 -16.16 -0.84
C LYS C 44 -39.79 -17.52 -1.47
N LEU C 45 -40.78 -18.26 -0.98
CA LEU C 45 -41.14 -19.57 -1.51
C LEU C 45 -42.33 -19.41 -2.45
N GLU C 46 -42.31 -20.14 -3.55
CA GLU C 46 -43.46 -20.17 -4.45
C GLU C 46 -43.81 -21.59 -4.88
N TYR C 47 -45.08 -21.94 -4.64
CA TYR C 47 -45.68 -23.18 -5.14
C TYR C 47 -45.78 -23.17 -6.65
N MET C 48 -45.45 -24.29 -7.27
CA MET C 48 -45.38 -24.38 -8.73
C MET C 48 -46.53 -25.27 -9.29
N GLY C 49 -46.69 -26.46 -8.72
CA GLY C 49 -47.76 -27.36 -9.10
C GLY C 49 -47.59 -28.81 -8.66
N TYR C 50 -48.63 -29.61 -8.89
CA TYR C 50 -48.57 -31.04 -8.58
C TYR C 50 -49.02 -31.92 -9.72
N ILE C 51 -48.51 -33.14 -9.67
CA ILE C 51 -49.12 -34.25 -10.38
C ILE C 51 -49.71 -35.22 -9.35
N SER C 52 -51.01 -35.48 -9.50
CA SER C 52 -51.75 -36.36 -8.60
C SER C 52 -51.34 -37.83 -8.74
N TYR C 53 -51.93 -38.70 -7.91
CA TYR C 53 -51.64 -40.13 -7.97
C TYR C 53 -52.26 -40.81 -9.17
N SER C 54 -53.05 -40.03 -9.91
CA SER C 54 -53.81 -40.52 -11.04
C SER C 54 -53.48 -39.75 -12.32
N GLY C 55 -52.51 -38.85 -12.23
CA GLY C 55 -51.94 -38.23 -13.43
C GLY C 55 -52.52 -36.88 -13.71
N SER C 56 -53.49 -36.49 -12.89
CA SER C 56 -54.05 -35.15 -12.92
C SER C 56 -53.01 -34.09 -12.48
N THR C 57 -52.96 -32.98 -13.22
CA THR C 57 -52.00 -31.96 -12.92
C THR C 57 -52.71 -30.70 -12.46
N TYR C 58 -52.10 -30.02 -11.50
CA TYR C 58 -52.50 -28.68 -11.09
C TYR C 58 -51.28 -27.76 -11.21
N TYR C 59 -51.50 -26.49 -11.61
CA TYR C 59 -50.42 -25.52 -11.90
C TYR C 59 -50.66 -24.10 -11.39
N ASN C 60 -49.61 -23.48 -10.84
CA ASN C 60 -49.69 -22.08 -10.42
C ASN C 60 -49.96 -21.15 -11.59
N LEU C 61 -50.96 -20.31 -11.42
CA LEU C 61 -51.45 -19.43 -12.49
C LEU C 61 -50.42 -18.42 -13.01
N SER C 62 -49.42 -18.12 -12.18
CA SER C 62 -48.30 -17.25 -12.55
C SER C 62 -47.42 -17.90 -13.63
N LEU C 63 -47.40 -19.22 -13.64
CA LEU C 63 -46.49 -20.02 -14.44
C LEU C 63 -47.23 -20.80 -15.52
N ARG C 64 -48.42 -20.30 -15.87
CA ARG C 64 -49.44 -21.00 -16.69
C ARG C 64 -48.92 -21.83 -17.88
N SER C 65 -48.19 -21.15 -18.77
CA SER C 65 -47.83 -21.68 -20.07
C SER C 65 -46.48 -22.40 -20.06
N ARG C 66 -45.63 -22.06 -19.09
CA ARG C 66 -44.25 -22.51 -19.14
C ARG C 66 -44.10 -23.81 -18.40
N ILE C 67 -44.95 -23.99 -17.41
CA ILE C 67 -44.89 -25.19 -16.59
C ILE C 67 -45.50 -26.41 -17.30
N SER C 68 -45.16 -27.60 -16.79
CA SER C 68 -45.52 -28.89 -17.35
C SER C 68 -44.90 -29.96 -16.45
N ILE C 69 -45.73 -30.79 -15.83
CA ILE C 69 -45.26 -31.84 -14.92
C ILE C 69 -45.73 -33.21 -15.42
N THR C 70 -44.78 -34.14 -15.55
CA THR C 70 -45.04 -35.46 -16.12
C THR C 70 -44.61 -36.49 -15.09
N ARG C 71 -44.99 -37.75 -15.28
CA ARG C 71 -44.53 -38.84 -14.41
C ARG C 71 -44.14 -40.09 -15.18
N ASP C 72 -43.57 -41.07 -14.48
CA ASP C 72 -43.19 -42.34 -15.06
C ASP C 72 -43.23 -43.41 -13.97
N THR C 73 -44.44 -43.82 -13.62
CA THR C 73 -44.66 -44.83 -12.56
C THR C 73 -43.75 -46.07 -12.67
N SER C 74 -43.39 -46.42 -13.91
CA SER C 74 -42.57 -47.59 -14.18
C SER C 74 -41.09 -47.32 -13.88
N LYS C 75 -40.72 -46.03 -13.89
CA LYS C 75 -39.39 -45.59 -13.44
C LYS C 75 -39.37 -45.04 -12.00
N ASN C 76 -40.56 -44.93 -11.41
CA ASN C 76 -40.80 -44.28 -10.11
C ASN C 76 -40.06 -42.95 -9.97
N GLN C 77 -40.75 -41.90 -10.41
CA GLN C 77 -40.24 -40.53 -10.42
C GLN C 77 -41.17 -39.60 -11.20
N TYR C 78 -41.16 -38.31 -10.82
CA TYR C 78 -41.88 -37.27 -11.55
C TYR C 78 -41.00 -36.10 -12.00
N TYR C 79 -41.42 -35.39 -13.04
CA TYR C 79 -40.54 -34.50 -13.75
C TYR C 79 -41.08 -33.10 -13.79
N LEU C 80 -40.16 -32.13 -13.83
CA LEU C 80 -40.52 -30.73 -14.03
C LEU C 80 -39.96 -30.26 -15.34
N GLN C 81 -40.65 -29.28 -15.92
CA GLN C 81 -40.17 -28.56 -17.06
C GLN C 81 -40.68 -27.11 -17.03
N LEU C 82 -39.74 -26.19 -16.86
CA LEU C 82 -39.96 -24.78 -17.12
C LEU C 82 -39.22 -24.46 -18.41
N ASN C 83 -39.69 -23.46 -19.15
CA ASN C 83 -38.99 -22.98 -20.34
C ASN C 83 -39.23 -21.51 -20.52
N SER C 84 -38.62 -20.93 -21.55
CA SER C 84 -38.58 -19.46 -21.68
C SER C 84 -37.98 -18.89 -20.40
N VAL C 85 -37.05 -19.67 -19.85
CA VAL C 85 -36.36 -19.42 -18.59
C VAL C 85 -35.69 -18.04 -18.49
N THR C 86 -36.34 -17.12 -17.78
CA THR C 86 -35.81 -15.77 -17.53
C THR C 86 -34.87 -15.81 -16.33
N THR C 87 -34.32 -14.67 -15.97
CA THR C 87 -33.40 -14.60 -14.84
C THR C 87 -34.14 -14.81 -13.52
N GLU C 88 -35.45 -14.57 -13.53
CA GLU C 88 -36.30 -14.67 -12.36
C GLU C 88 -36.46 -16.12 -11.95
N ASP C 89 -35.91 -17.03 -12.74
CA ASP C 89 -36.00 -18.47 -12.51
C ASP C 89 -34.84 -18.99 -11.70
N THR C 90 -34.05 -18.07 -11.18
CA THR C 90 -32.95 -18.42 -10.33
C THR C 90 -33.59 -18.72 -9.00
N ALA C 91 -33.41 -19.95 -8.56
CA ALA C 91 -34.10 -20.45 -7.38
C ALA C 91 -33.50 -21.78 -7.03
N THR C 92 -33.77 -22.24 -5.82
CA THR C 92 -33.42 -23.61 -5.47
C THR C 92 -34.72 -24.44 -5.55
N TYR C 93 -34.63 -25.60 -6.20
CA TYR C 93 -35.84 -26.36 -6.54
C TYR C 93 -36.07 -27.61 -5.65
N TYR C 94 -37.26 -27.66 -5.06
CA TYR C 94 -37.64 -28.75 -4.18
C TYR C 94 -38.74 -29.61 -4.78
N CYS C 95 -38.64 -30.90 -4.54
CA CYS C 95 -39.78 -31.74 -4.76
C CYS C 95 -40.36 -32.14 -3.38
N ALA C 96 -41.69 -32.23 -3.32
CA ALA C 96 -42.41 -32.45 -2.05
C ALA C 96 -43.71 -33.24 -2.19
N LEU C 97 -44.05 -33.94 -1.11
CA LEU C 97 -45.20 -34.80 -1.07
C LEU C 97 -46.27 -34.28 -0.11
N ILE C 98 -47.53 -34.43 -0.52
CA ILE C 98 -48.67 -34.22 0.37
C ILE C 98 -49.34 -35.57 0.56
N THR C 99 -49.22 -36.15 1.76
CA THR C 99 -50.00 -37.33 2.10
C THR C 99 -51.36 -36.92 2.68
N THR C 100 -52.29 -37.86 2.62
CA THR C 100 -53.65 -37.64 3.10
C THR C 100 -53.75 -37.77 4.62
N THR C 101 -52.60 -37.96 5.27
CA THR C 101 -52.50 -37.96 6.75
C THR C 101 -52.49 -36.52 7.28
N THR C 102 -51.95 -35.60 6.47
CA THR C 102 -51.78 -34.22 6.94
C THR C 102 -52.34 -33.16 5.96
N TYR C 103 -52.65 -33.60 4.74
CA TYR C 103 -53.07 -32.68 3.69
C TYR C 103 -52.10 -31.50 3.60
N ALA C 104 -50.86 -31.79 3.95
CA ALA C 104 -49.82 -30.80 3.92
C ALA C 104 -48.55 -31.36 3.32
N MET C 105 -47.68 -30.47 2.89
CA MET C 105 -46.48 -30.86 2.19
C MET C 105 -45.50 -31.42 3.16
N ASP C 106 -45.60 -32.71 3.43
CA ASP C 106 -44.98 -33.30 4.62
C ASP C 106 -43.70 -34.09 4.41
N TYR C 107 -43.31 -34.33 3.17
CA TYR C 107 -41.98 -34.90 2.89
C TYR C 107 -41.35 -34.12 1.75
N TRP C 108 -40.05 -33.87 1.88
CA TRP C 108 -39.34 -32.97 0.96
C TRP C 108 -37.98 -33.51 0.61
N GLY C 109 -37.55 -33.30 -0.63
CA GLY C 109 -36.14 -33.56 -0.98
C GLY C 109 -35.19 -32.47 -0.47
N GLN C 110 -33.89 -32.75 -0.53
CA GLN C 110 -32.85 -31.82 -0.09
C GLN C 110 -32.83 -30.50 -0.89
N GLY C 111 -33.28 -30.55 -2.15
CA GLY C 111 -33.25 -29.40 -3.05
C GLY C 111 -32.02 -29.34 -3.94
N THR C 112 -32.18 -28.89 -5.18
CA THR C 112 -31.03 -28.52 -6.00
C THR C 112 -31.10 -27.05 -6.28
N SER C 113 -29.92 -26.45 -6.42
CA SER C 113 -29.85 -25.08 -6.90
C SER C 113 -29.87 -25.09 -8.42
N VAL C 114 -30.56 -24.09 -8.97
CA VAL C 114 -30.59 -23.89 -10.39
C VAL C 114 -30.43 -22.41 -10.69
N THR C 115 -29.46 -22.11 -11.55
CA THR C 115 -29.20 -20.74 -11.94
C THR C 115 -29.42 -20.54 -13.44
N VAL C 116 -29.88 -19.33 -13.79
CA VAL C 116 -30.08 -18.93 -15.18
C VAL C 116 -29.05 -17.86 -15.61
N SER C 117 -28.06 -18.29 -16.39
CA SER C 117 -26.97 -17.44 -16.88
C SER C 117 -26.35 -17.97 -18.19
N SER C 118 -25.89 -17.03 -19.02
CA SER C 118 -25.11 -17.34 -20.23
C SER C 118 -23.62 -17.19 -19.88
N ALA C 119 -23.16 -18.03 -18.96
CA ALA C 119 -21.81 -17.93 -18.40
C ALA C 119 -21.37 -19.29 -17.88
N LYS C 120 -20.12 -19.67 -18.15
CA LYS C 120 -19.72 -21.09 -18.20
C LYS C 120 -19.04 -21.72 -16.97
N THR C 121 -18.84 -23.03 -17.01
CA THR C 121 -18.47 -23.81 -15.82
C THR C 121 -16.96 -23.97 -15.57
N THR C 122 -16.45 -23.01 -14.81
CA THR C 122 -15.06 -22.96 -14.38
C THR C 122 -14.97 -23.61 -13.00
N PRO C 123 -14.05 -24.57 -12.82
CA PRO C 123 -14.01 -25.29 -11.54
C PRO C 123 -13.49 -24.39 -10.41
N PRO C 124 -13.38 -24.92 -9.18
CA PRO C 124 -12.79 -24.10 -8.11
C PRO C 124 -11.25 -24.22 -8.02
N SER C 125 -10.64 -23.27 -7.31
CA SER C 125 -9.24 -23.34 -6.93
C SER C 125 -9.33 -23.32 -5.41
N VAL C 126 -8.47 -24.11 -4.76
CA VAL C 126 -8.61 -24.35 -3.35
C VAL C 126 -7.30 -24.10 -2.60
N TYR C 127 -7.32 -23.06 -1.78
CA TYR C 127 -6.13 -22.54 -1.12
C TYR C 127 -6.34 -22.71 0.35
N PRO C 128 -5.35 -23.26 1.07
CA PRO C 128 -5.54 -23.51 2.51
C PRO C 128 -5.33 -22.25 3.36
N LEU C 129 -6.03 -22.16 4.48
CA LEU C 129 -5.90 -21.04 5.41
C LEU C 129 -5.21 -21.45 6.71
N ALA C 130 -3.99 -20.94 6.92
CA ALA C 130 -3.12 -21.44 7.97
C ALA C 130 -2.52 -20.33 8.83
N PRO C 131 -2.38 -20.56 10.16
CA PRO C 131 -2.01 -19.58 11.21
C PRO C 131 -1.08 -18.44 10.76
N SER C 139 -6.01 -21.90 23.37
CA SER C 139 -5.61 -23.30 23.17
C SER C 139 -6.54 -24.01 22.19
N MET C 140 -7.35 -23.19 21.51
CA MET C 140 -8.08 -23.60 20.31
C MET C 140 -7.30 -23.02 19.15
N VAL C 141 -7.39 -23.67 18.00
CA VAL C 141 -6.75 -23.13 16.78
C VAL C 141 -7.74 -23.10 15.63
N THR C 142 -7.74 -21.99 14.89
CA THR C 142 -8.63 -21.87 13.76
C THR C 142 -7.89 -22.10 12.45
N LEU C 143 -8.49 -22.94 11.62
CA LEU C 143 -8.00 -23.20 10.28
C LEU C 143 -9.12 -22.89 9.33
N GLY C 144 -8.76 -22.75 8.06
CA GLY C 144 -9.75 -22.42 7.06
C GLY C 144 -9.48 -23.04 5.70
N CYS C 145 -10.34 -22.69 4.75
CA CYS C 145 -10.17 -23.05 3.35
C CYS C 145 -10.87 -22.03 2.51
N LEU C 146 -10.19 -21.59 1.46
CA LEU C 146 -10.71 -20.59 0.58
C LEU C 146 -10.95 -21.26 -0.76
N VAL C 147 -12.10 -20.96 -1.37
CA VAL C 147 -12.54 -21.64 -2.57
C VAL C 147 -12.88 -20.59 -3.60
N LYS C 148 -12.09 -20.54 -4.65
CA LYS C 148 -12.14 -19.42 -5.58
C LYS C 148 -12.17 -19.84 -7.04
N GLY C 149 -12.61 -18.93 -7.90
CA GLY C 149 -12.70 -19.19 -9.35
C GLY C 149 -13.70 -20.27 -9.77
N TYR C 150 -14.73 -20.47 -8.95
CA TYR C 150 -15.76 -21.47 -9.24
C TYR C 150 -17.03 -20.85 -9.76
N PHE C 151 -17.71 -21.60 -10.63
CA PHE C 151 -19.06 -21.33 -11.08
C PHE C 151 -19.66 -22.66 -11.57
N PRO C 152 -21.00 -22.85 -11.44
CA PRO C 152 -21.96 -22.03 -10.74
C PRO C 152 -22.11 -22.54 -9.31
N GLU C 153 -23.11 -22.03 -8.59
CA GLU C 153 -23.52 -22.66 -7.32
C GLU C 153 -24.08 -24.08 -7.55
N PRO C 154 -23.94 -24.97 -6.56
CA PRO C 154 -23.33 -24.77 -5.26
C PRO C 154 -22.00 -25.50 -5.12
N VAL C 155 -21.30 -25.25 -4.02
CA VAL C 155 -20.09 -25.99 -3.66
C VAL C 155 -20.33 -26.56 -2.26
N THR C 156 -20.00 -27.84 -2.08
CA THR C 156 -20.01 -28.52 -0.78
C THR C 156 -18.70 -28.18 -0.11
N VAL C 157 -18.60 -28.37 1.20
CA VAL C 157 -17.33 -28.33 1.93
C VAL C 157 -17.45 -29.11 3.23
N THR C 158 -16.61 -30.11 3.42
CA THR C 158 -16.57 -30.83 4.70
C THR C 158 -15.15 -30.79 5.31
N TRP C 159 -15.02 -31.26 6.54
CA TRP C 159 -13.71 -31.36 7.16
C TRP C 159 -13.48 -32.79 7.66
N ASN C 160 -12.36 -33.35 7.23
CA ASN C 160 -12.07 -34.77 7.41
C ASN C 160 -13.30 -35.65 7.26
N SER C 161 -13.82 -35.66 6.04
CA SER C 161 -14.87 -36.58 5.60
C SER C 161 -16.04 -36.69 6.58
N GLY C 162 -16.60 -35.53 6.96
CA GLY C 162 -17.68 -35.48 7.94
C GLY C 162 -17.28 -35.71 9.40
N SER C 163 -16.19 -36.43 9.65
CA SER C 163 -15.79 -36.80 11.01
C SER C 163 -15.16 -35.62 11.77
N LEU C 164 -15.60 -34.42 11.40
CA LEU C 164 -15.22 -33.16 12.04
C LEU C 164 -16.33 -32.20 11.70
N SER C 165 -17.30 -32.07 12.61
CA SER C 165 -18.57 -31.40 12.32
C SER C 165 -18.70 -30.08 13.05
N SER C 166 -18.49 -30.16 14.36
CA SER C 166 -18.84 -29.11 15.29
C SER C 166 -18.13 -27.78 15.03
N GLY C 167 -16.84 -27.83 14.69
CA GLY C 167 -16.09 -26.59 14.61
C GLY C 167 -16.45 -25.64 13.47
N VAL C 168 -17.15 -26.14 12.46
CA VAL C 168 -17.14 -25.52 11.16
C VAL C 168 -18.05 -24.33 11.07
N HIS C 169 -17.63 -23.35 10.28
CA HIS C 169 -18.52 -22.36 9.74
C HIS C 169 -18.19 -22.29 8.28
N THR C 170 -19.22 -22.42 7.45
CA THR C 170 -19.04 -22.34 6.02
C THR C 170 -19.91 -21.24 5.49
N PHE C 171 -19.26 -20.27 4.84
CA PHE C 171 -19.87 -18.99 4.56
C PHE C 171 -20.62 -18.95 3.23
N PRO C 172 -21.83 -18.35 3.25
CA PRO C 172 -22.54 -18.15 2.00
C PRO C 172 -21.54 -17.67 0.96
N ALA C 173 -21.58 -18.28 -0.22
CA ALA C 173 -20.72 -17.86 -1.31
C ALA C 173 -21.12 -16.45 -1.76
N VAL C 174 -20.20 -15.81 -2.48
CA VAL C 174 -20.35 -14.41 -2.87
C VAL C 174 -19.96 -14.22 -4.34
N LEU C 175 -20.88 -13.67 -5.12
CA LEU C 175 -20.61 -13.45 -6.54
C LEU C 175 -20.12 -12.05 -6.82
N GLN C 176 -19.04 -11.97 -7.59
CA GLN C 176 -18.43 -10.75 -8.07
C GLN C 176 -17.69 -11.11 -9.35
N SER C 177 -17.71 -10.21 -10.33
CA SER C 177 -17.12 -10.47 -11.67
C SER C 177 -17.55 -11.85 -12.18
N ASP C 178 -18.85 -12.15 -12.01
CA ASP C 178 -19.44 -13.47 -12.36
C ASP C 178 -18.62 -14.70 -11.95
N LEU C 179 -17.84 -14.57 -10.88
CA LEU C 179 -17.16 -15.69 -10.22
C LEU C 179 -17.41 -15.72 -8.70
N TYR C 180 -17.55 -16.93 -8.15
CA TYR C 180 -17.92 -17.12 -6.75
C TYR C 180 -16.72 -17.21 -5.84
N THR C 181 -16.90 -16.77 -4.59
CA THR C 181 -15.93 -16.99 -3.53
C THR C 181 -16.57 -17.52 -2.23
N LEU C 182 -15.92 -18.53 -1.67
CA LEU C 182 -16.41 -19.19 -0.47
C LEU C 182 -15.27 -19.54 0.47
N SER C 183 -15.46 -19.29 1.76
CA SER C 183 -14.46 -19.64 2.75
C SER C 183 -15.09 -20.54 3.78
N SER C 184 -14.27 -21.31 4.47
CA SER C 184 -14.78 -22.22 5.48
C SER C 184 -13.79 -22.33 6.63
N SER C 185 -14.29 -22.16 7.85
CA SER C 185 -13.43 -22.17 9.03
C SER C 185 -13.69 -23.36 9.90
N VAL C 186 -12.64 -23.93 10.47
CA VAL C 186 -12.82 -24.96 11.47
C VAL C 186 -11.91 -24.70 12.64
N THR C 187 -12.48 -24.81 13.83
CA THR C 187 -11.75 -24.60 15.07
C THR C 187 -11.52 -25.94 15.76
N VAL C 188 -10.25 -26.26 16.00
CA VAL C 188 -9.91 -27.51 16.68
C VAL C 188 -9.00 -27.26 17.86
N PRO C 189 -9.12 -28.10 18.92
CA PRO C 189 -8.21 -27.97 20.07
C PRO C 189 -6.76 -28.10 19.61
N SER C 190 -5.94 -27.07 19.86
CA SER C 190 -4.52 -27.08 19.49
C SER C 190 -3.74 -28.11 20.31
N SER C 191 -4.10 -29.37 20.08
CA SER C 191 -3.44 -30.55 20.64
C SER C 191 -3.71 -31.69 19.67
N THR C 192 -4.84 -31.58 18.97
CA THR C 192 -5.14 -32.41 17.79
C THR C 192 -4.41 -31.89 16.55
N TRP C 193 -3.88 -30.68 16.63
CA TRP C 193 -3.24 -30.08 15.47
C TRP C 193 -1.92 -29.40 15.81
N PRO C 194 -0.88 -29.59 14.96
CA PRO C 194 -0.88 -30.44 13.74
C PRO C 194 -0.64 -31.94 14.02
N SER C 195 -0.44 -32.29 15.29
CA SER C 195 -0.23 -33.67 15.71
C SER C 195 -1.02 -34.67 14.88
N GLU C 196 -2.28 -34.31 14.59
CA GLU C 196 -3.07 -35.07 13.63
C GLU C 196 -3.39 -34.22 12.40
N THR C 197 -3.98 -34.83 11.38
CA THR C 197 -4.20 -34.15 10.11
C THR C 197 -5.55 -33.44 10.04
N VAL C 198 -5.58 -32.29 9.38
CA VAL C 198 -6.86 -31.69 8.99
C VAL C 198 -6.90 -31.39 7.51
N THR C 199 -8.00 -31.79 6.89
CA THR C 199 -8.20 -31.64 5.46
C THR C 199 -9.59 -31.08 5.19
N CYS C 200 -9.66 -30.09 4.29
CA CYS C 200 -10.96 -29.71 3.77
C CYS C 200 -11.24 -30.53 2.51
N ASN C 201 -12.47 -31.05 2.42
CA ASN C 201 -12.91 -31.83 1.29
C ASN C 201 -13.86 -30.93 0.55
N VAL C 202 -13.40 -30.44 -0.60
CA VAL C 202 -14.14 -29.43 -1.33
C VAL C 202 -14.68 -30.04 -2.61
N ALA C 203 -15.99 -30.16 -2.68
CA ALA C 203 -16.64 -30.66 -3.88
C ALA C 203 -17.31 -29.54 -4.66
N HIS C 204 -17.12 -29.61 -5.97
CA HIS C 204 -17.87 -28.84 -6.96
C HIS C 204 -18.46 -29.90 -7.88
N PRO C 205 -19.79 -30.13 -7.77
CA PRO C 205 -20.40 -31.21 -8.56
C PRO C 205 -20.53 -30.83 -10.05
N ALA C 206 -20.75 -29.54 -10.32
CA ALA C 206 -20.87 -29.03 -11.71
C ALA C 206 -19.64 -29.27 -12.60
N SER C 207 -18.49 -29.57 -12.00
CA SER C 207 -17.26 -29.88 -12.73
C SER C 207 -16.69 -31.19 -12.18
N SER C 208 -17.54 -31.94 -11.48
CA SER C 208 -17.16 -33.16 -10.76
C SER C 208 -15.69 -33.18 -10.33
N THR C 209 -15.38 -32.21 -9.47
CA THR C 209 -14.10 -32.14 -8.78
C THR C 209 -14.33 -32.42 -7.31
N LYS C 210 -13.38 -33.16 -6.72
CA LYS C 210 -13.37 -33.49 -5.29
C LYS C 210 -11.94 -33.23 -4.80
N VAL C 211 -11.69 -32.01 -4.35
CA VAL C 211 -10.33 -31.60 -3.98
C VAL C 211 -10.15 -31.63 -2.47
N ASP C 212 -9.04 -32.20 -2.05
CA ASP C 212 -8.64 -32.17 -0.66
C ASP C 212 -7.36 -31.36 -0.53
N LYS C 213 -7.42 -30.30 0.25
CA LYS C 213 -6.22 -29.53 0.62
C LYS C 213 -5.92 -29.79 2.09
N LYS C 214 -4.75 -30.35 2.36
CA LYS C 214 -4.30 -30.60 3.72
C LYS C 214 -3.80 -29.29 4.31
N ILE C 215 -4.01 -29.11 5.61
CA ILE C 215 -3.56 -27.90 6.29
C ILE C 215 -2.21 -28.10 7.01
N VAL C 216 -1.16 -27.54 6.43
CA VAL C 216 0.23 -27.59 6.96
C VAL C 216 0.65 -26.26 7.56
N PRO C 217 1.29 -26.29 8.76
CA PRO C 217 1.78 -25.18 9.59
C PRO C 217 2.17 -23.86 8.90
N ASN D 1 -56.80 -11.85 -5.48
CA ASN D 1 -55.91 -13.04 -5.28
C ASN D 1 -55.52 -13.21 -3.83
N ILE D 2 -55.41 -14.47 -3.42
CA ILE D 2 -55.23 -14.82 -2.02
C ILE D 2 -53.82 -14.47 -1.58
N VAL D 3 -53.74 -13.81 -0.42
CA VAL D 3 -52.48 -13.38 0.16
C VAL D 3 -52.32 -13.88 1.60
N LEU D 4 -51.16 -14.51 1.90
CA LEU D 4 -50.76 -14.77 3.30
C LEU D 4 -49.79 -13.71 3.83
N THR D 5 -50.24 -12.94 4.81
CA THR D 5 -49.41 -11.93 5.41
C THR D 5 -48.91 -12.37 6.79
N GLN D 6 -47.62 -12.70 6.89
CA GLN D 6 -47.05 -13.05 8.20
C GLN D 6 -46.64 -11.82 8.91
N SER D 7 -46.64 -11.91 10.24
CA SER D 7 -46.30 -10.79 11.11
C SER D 7 -45.94 -11.32 12.50
N PRO D 8 -44.83 -10.85 13.10
CA PRO D 8 -43.89 -9.83 12.65
C PRO D 8 -42.97 -10.36 11.60
N VAL D 9 -42.14 -9.49 11.06
CA VAL D 9 -41.14 -9.85 10.06
C VAL D 9 -39.95 -10.49 10.76
N SER D 10 -39.63 -9.92 11.92
CA SER D 10 -38.52 -10.39 12.73
C SER D 10 -38.85 -10.24 14.19
N LEU D 11 -38.24 -11.09 15.00
CA LEU D 11 -38.35 -10.94 16.43
C LEU D 11 -37.23 -11.60 17.16
N ALA D 12 -37.02 -11.14 18.38
CA ALA D 12 -35.94 -11.59 19.21
C ALA D 12 -36.55 -12.14 20.49
N VAL D 13 -36.26 -13.40 20.79
CA VAL D 13 -36.84 -14.06 21.96
C VAL D 13 -35.76 -14.67 22.83
N SER D 14 -35.78 -14.40 24.14
CA SER D 14 -34.82 -15.02 25.06
C SER D 14 -35.07 -16.52 25.18
N LEU D 15 -34.02 -17.31 25.33
CA LEU D 15 -34.18 -18.72 25.66
C LEU D 15 -35.17 -18.88 26.77
N GLY D 16 -36.09 -19.81 26.59
CA GLY D 16 -37.10 -20.12 27.58
C GLY D 16 -38.36 -19.27 27.58
N GLN D 17 -38.49 -18.35 26.61
CA GLN D 17 -39.65 -17.42 26.58
C GLN D 17 -40.60 -17.66 25.43
N ARG D 18 -41.70 -16.93 25.38
CA ARG D 18 -42.70 -17.14 24.31
C ARG D 18 -42.41 -16.39 23.00
N ALA D 19 -42.59 -17.09 21.87
CA ALA D 19 -42.60 -16.45 20.57
C ALA D 19 -43.94 -16.71 19.88
N THR D 20 -44.59 -15.65 19.40
CA THR D 20 -45.84 -15.80 18.67
C THR D 20 -45.75 -15.22 17.27
N ILE D 21 -45.97 -16.07 16.28
CA ILE D 21 -45.92 -15.66 14.89
C ILE D 21 -47.31 -15.74 14.26
N SER D 22 -47.80 -14.63 13.73
CA SER D 22 -49.12 -14.56 13.14
C SER D 22 -49.12 -14.83 11.62
N CYS D 23 -50.25 -15.33 11.12
CA CYS D 23 -50.45 -15.42 9.68
C CYS D 23 -51.90 -15.00 9.35
N ARG D 24 -52.08 -14.06 8.43
CA ARG D 24 -53.40 -13.53 8.12
C ARG D 24 -53.74 -13.74 6.65
N ALA D 25 -54.92 -14.28 6.44
CA ALA D 25 -55.43 -14.56 5.11
C ALA D 25 -56.32 -13.42 4.60
N SER D 26 -56.26 -13.15 3.31
CA SER D 26 -57.12 -12.12 2.72
C SER D 26 -58.53 -12.72 2.55
N GLU D 27 -58.61 -14.04 2.53
CA GLU D 27 -59.90 -14.74 2.56
C GLU D 27 -59.78 -16.07 3.28
N SER D 28 -60.89 -16.58 3.82
CA SER D 28 -60.93 -17.84 4.58
C SER D 28 -60.28 -19.00 3.87
N VAL D 29 -59.54 -19.81 4.62
CA VAL D 29 -58.85 -20.95 4.05
C VAL D 29 -59.41 -22.27 4.62
N ASP D 30 -60.58 -22.19 5.24
CA ASP D 30 -61.31 -23.32 5.78
C ASP D 30 -62.12 -24.06 4.73
N GLY D 31 -62.26 -25.35 4.94
CA GLY D 31 -63.11 -26.16 4.10
C GLY D 31 -63.50 -27.44 4.81
N TYR D 32 -64.83 -27.68 4.88
CA TYR D 32 -65.37 -28.96 5.37
C TYR D 32 -64.90 -29.23 6.78
N GLY D 33 -64.99 -28.23 7.64
CA GLY D 33 -64.73 -28.40 9.07
C GLY D 33 -63.29 -28.17 9.49
N ASN D 34 -62.40 -28.01 8.49
CA ASN D 34 -60.95 -27.83 8.73
C ASN D 34 -60.36 -26.52 8.19
N SER D 35 -59.21 -26.13 8.74
CA SER D 35 -58.47 -24.94 8.29
C SER D 35 -57.24 -25.41 7.57
N PHE D 36 -57.17 -25.15 6.28
CA PHE D 36 -56.05 -25.60 5.50
C PHE D 36 -54.87 -24.64 5.54
N LEU D 37 -54.22 -24.57 6.70
CA LEU D 37 -53.05 -23.73 6.91
C LEU D 37 -51.98 -24.45 7.70
N HIS D 38 -50.78 -24.53 7.12
CA HIS D 38 -49.66 -25.23 7.72
C HIS D 38 -48.45 -24.34 8.04
N TRP D 39 -47.62 -24.78 8.99
CA TRP D 39 -46.48 -24.01 9.40
C TRP D 39 -45.22 -24.77 9.19
N PHE D 40 -44.24 -24.15 8.51
CA PHE D 40 -42.90 -24.73 8.38
C PHE D 40 -41.78 -23.92 9.07
N GLN D 41 -40.65 -24.59 9.30
CA GLN D 41 -39.45 -23.97 9.80
C GLN D 41 -38.36 -24.21 8.75
N GLN D 42 -37.74 -23.14 8.25
CA GLN D 42 -36.62 -23.34 7.31
C GLN D 42 -35.33 -22.66 7.74
N LYS D 43 -34.26 -23.47 7.70
CA LYS D 43 -32.91 -23.07 8.04
C LYS D 43 -32.02 -23.06 6.77
N PRO D 44 -30.95 -22.25 6.77
CA PRO D 44 -30.11 -22.16 5.58
C PRO D 44 -29.64 -23.50 5.08
N GLY D 45 -29.67 -23.68 3.75
CA GLY D 45 -29.26 -24.91 3.09
C GLY D 45 -30.07 -26.14 3.39
N GLN D 46 -31.27 -25.96 3.93
CA GLN D 46 -32.16 -27.06 4.27
C GLN D 46 -33.57 -26.84 3.72
N PRO D 47 -34.34 -27.94 3.49
CA PRO D 47 -35.71 -27.80 2.98
C PRO D 47 -36.62 -27.32 4.11
N PRO D 48 -37.76 -26.72 3.80
CA PRO D 48 -38.67 -26.40 4.91
C PRO D 48 -39.25 -27.65 5.60
N LYS D 49 -39.01 -27.80 6.90
CA LYS D 49 -39.48 -28.96 7.67
C LYS D 49 -40.90 -28.69 8.25
N LEU D 50 -41.89 -29.56 7.94
CA LEU D 50 -43.28 -29.38 8.37
C LEU D 50 -43.42 -29.39 9.90
N LEU D 51 -44.22 -28.46 10.43
CA LEU D 51 -44.40 -28.29 11.88
C LEU D 51 -45.83 -28.52 12.41
N ILE D 52 -46.81 -27.92 11.73
CA ILE D 52 -48.19 -27.95 12.20
C ILE D 52 -49.09 -28.08 11.00
N TYR D 53 -49.80 -29.20 10.88
CA TYR D 53 -50.75 -29.36 9.78
C TYR D 53 -52.13 -29.02 10.24
N LEU D 54 -52.98 -28.70 9.26
CA LEU D 54 -54.34 -28.27 9.50
C LEU D 54 -54.52 -27.32 10.70
N ALA D 55 -53.78 -26.22 10.69
CA ALA D 55 -53.92 -25.16 11.67
C ALA D 55 -53.55 -25.49 13.12
N SER D 56 -53.76 -26.73 13.58
CA SER D 56 -53.52 -27.03 15.02
C SER D 56 -53.09 -28.47 15.35
N ASN D 57 -52.65 -29.24 14.37
CA ASN D 57 -52.16 -30.56 14.66
C ASN D 57 -50.65 -30.66 14.55
N LEU D 58 -50.02 -31.03 15.67
CA LEU D 58 -48.59 -31.21 15.74
C LEU D 58 -48.17 -32.30 14.78
N ASN D 59 -47.05 -32.11 14.08
CA ASN D 59 -46.52 -33.11 13.18
C ASN D 59 -45.58 -34.05 13.94
N SER D 60 -45.46 -35.29 13.45
CA SER D 60 -44.78 -36.37 14.16
C SER D 60 -43.30 -36.04 14.40
N GLY D 61 -42.86 -36.19 15.64
CA GLY D 61 -41.44 -36.00 15.92
C GLY D 61 -41.00 -34.56 16.00
N VAL D 62 -41.97 -33.64 15.96
CA VAL D 62 -41.74 -32.24 16.22
C VAL D 62 -42.04 -32.07 17.72
N PRO D 63 -41.25 -31.22 18.41
CA PRO D 63 -41.37 -31.07 19.88
C PRO D 63 -42.60 -30.31 20.29
N ALA D 64 -43.15 -30.60 21.47
CA ALA D 64 -44.42 -29.96 21.93
C ALA D 64 -44.34 -28.44 22.18
N ARG D 65 -43.12 -27.91 22.21
CA ARG D 65 -42.86 -26.48 22.19
C ARG D 65 -43.74 -25.71 21.18
N PHE D 66 -43.89 -26.30 19.98
CA PHE D 66 -44.65 -25.72 18.88
C PHE D 66 -46.12 -26.13 18.93
N SER D 67 -47.00 -25.16 18.73
CA SER D 67 -48.43 -25.39 18.66
C SER D 67 -49.08 -24.29 17.82
N GLY D 68 -50.24 -24.61 17.22
CA GLY D 68 -50.94 -23.67 16.33
C GLY D 68 -52.36 -23.40 16.74
N SER D 69 -52.88 -22.26 16.35
CA SER D 69 -54.27 -21.98 16.65
C SER D 69 -54.86 -21.12 15.52
N GLY D 70 -56.17 -20.88 15.55
CA GLY D 70 -56.84 -20.00 14.60
C GLY D 70 -57.70 -20.73 13.58
N SER D 71 -58.58 -19.97 12.92
CA SER D 71 -59.63 -20.50 12.05
C SER D 71 -59.66 -19.89 10.64
N ARG D 72 -60.57 -18.97 10.42
CA ARG D 72 -60.89 -18.50 9.06
C ARG D 72 -59.68 -17.83 8.38
N THR D 73 -59.33 -16.65 8.89
CA THR D 73 -58.31 -15.82 8.30
C THR D 73 -57.19 -15.51 9.27
N ASP D 74 -57.40 -15.83 10.54
CA ASP D 74 -56.47 -15.46 11.59
C ASP D 74 -55.74 -16.69 12.17
N PHE D 75 -54.43 -16.73 12.10
CA PHE D 75 -53.70 -17.89 12.64
C PHE D 75 -52.46 -17.50 13.45
N THR D 76 -52.07 -18.35 14.41
CA THR D 76 -50.92 -18.04 15.24
C THR D 76 -50.09 -19.28 15.48
N LEU D 77 -48.77 -19.13 15.39
CA LEU D 77 -47.84 -20.16 15.80
C LEU D 77 -47.29 -19.67 17.10
N THR D 78 -46.99 -20.57 18.02
CA THR D 78 -46.64 -20.22 19.37
C THR D 78 -45.52 -21.18 19.78
N ILE D 79 -44.30 -20.69 19.89
CA ILE D 79 -43.18 -21.52 20.32
C ILE D 79 -42.83 -21.18 21.77
N ASP D 80 -43.18 -22.04 22.71
CA ASP D 80 -42.98 -21.73 24.12
C ASP D 80 -42.76 -23.00 24.94
N PRO D 81 -41.57 -23.17 25.54
CA PRO D 81 -40.44 -22.25 25.63
C PRO D 81 -39.41 -22.46 24.55
N VAL D 82 -39.04 -21.35 23.92
CA VAL D 82 -38.08 -21.26 22.84
C VAL D 82 -36.74 -21.88 23.28
N GLU D 83 -36.06 -22.56 22.35
CA GLU D 83 -34.70 -23.10 22.55
C GLU D 83 -33.76 -22.62 21.44
N ALA D 84 -32.47 -22.89 21.57
CA ALA D 84 -31.47 -22.47 20.58
C ALA D 84 -31.72 -23.02 19.19
N ASP D 85 -32.22 -24.25 19.11
CA ASP D 85 -32.45 -24.87 17.82
C ASP D 85 -33.56 -24.19 17.02
N ASP D 86 -34.32 -23.28 17.64
CA ASP D 86 -35.41 -22.62 16.97
C ASP D 86 -35.01 -21.36 16.18
N ALA D 87 -33.73 -21.00 16.19
CA ALA D 87 -33.28 -19.89 15.37
C ALA D 87 -33.41 -20.32 13.91
N ALA D 88 -34.40 -19.70 13.25
CA ALA D 88 -34.82 -20.06 11.90
C ALA D 88 -35.76 -19.03 11.35
N THR D 89 -36.37 -19.39 10.22
CA THR D 89 -37.46 -18.63 9.57
C THR D 89 -38.65 -19.55 9.50
N TYR D 90 -39.83 -18.98 9.71
CA TYR D 90 -41.10 -19.70 9.80
C TYR D 90 -42.07 -19.19 8.77
N TYR D 91 -42.81 -20.13 8.17
CA TYR D 91 -43.66 -19.85 7.01
C TYR D 91 -45.00 -20.53 7.19
N CYS D 92 -46.08 -19.76 7.14
CA CYS D 92 -47.38 -20.37 6.94
C CYS D 92 -47.53 -20.77 5.48
N GLN D 93 -48.55 -21.58 5.21
CA GLN D 93 -48.79 -22.13 3.87
C GLN D 93 -50.24 -22.63 3.76
N GLN D 94 -50.96 -22.16 2.73
CA GLN D 94 -52.34 -22.61 2.45
C GLN D 94 -52.48 -23.33 1.12
N ASN D 95 -53.23 -24.44 1.12
CA ASN D 95 -53.39 -25.33 -0.04
C ASN D 95 -54.86 -25.74 -0.30
N ASN D 96 -55.78 -24.78 -0.19
CA ASN D 96 -57.23 -24.96 -0.42
C ASN D 96 -57.91 -23.85 -1.29
N VAL D 97 -57.41 -22.61 -1.18
CA VAL D 97 -57.82 -21.54 -2.08
C VAL D 97 -56.79 -21.45 -3.19
N ASP D 98 -57.24 -21.10 -4.39
CA ASP D 98 -56.40 -21.04 -5.60
C ASP D 98 -56.08 -19.60 -5.94
N PRO D 99 -54.80 -19.29 -6.20
CA PRO D 99 -53.65 -20.19 -6.22
C PRO D 99 -53.08 -20.46 -4.81
N TRP D 100 -52.38 -21.58 -4.63
CA TRP D 100 -51.70 -21.90 -3.35
C TRP D 100 -50.48 -21.00 -3.11
N THR D 101 -50.34 -20.53 -1.87
CA THR D 101 -49.23 -19.66 -1.54
C THR D 101 -48.48 -20.01 -0.27
N PHE D 102 -47.37 -19.29 -0.07
CA PHE D 102 -46.64 -19.20 1.20
C PHE D 102 -46.70 -17.77 1.69
N GLY D 103 -46.63 -17.57 3.00
CA GLY D 103 -46.52 -16.24 3.57
C GLY D 103 -45.10 -15.74 3.43
N GLY D 104 -44.94 -14.44 3.70
CA GLY D 104 -43.64 -13.75 3.60
C GLY D 104 -42.45 -14.24 4.42
N GLY D 105 -42.70 -14.98 5.50
CA GLY D 105 -41.64 -15.56 6.36
C GLY D 105 -41.35 -14.66 7.56
N THR D 106 -41.00 -15.27 8.69
CA THR D 106 -40.74 -14.54 9.91
C THR D 106 -39.46 -15.06 10.46
N LYS D 107 -38.51 -14.17 10.74
CA LYS D 107 -37.24 -14.59 11.31
C LYS D 107 -37.27 -14.53 12.83
N LEU D 108 -37.01 -15.67 13.44
CA LEU D 108 -36.85 -15.73 14.87
C LEU D 108 -35.37 -15.66 15.19
N GLU D 109 -34.96 -14.61 15.88
CA GLU D 109 -33.66 -14.71 16.51
C GLU D 109 -33.78 -14.94 18.01
N ILE D 110 -32.90 -15.84 18.48
CA ILE D 110 -32.68 -16.10 19.91
C ILE D 110 -31.83 -15.00 20.55
N LYS D 111 -32.35 -14.35 21.58
CA LYS D 111 -31.51 -13.38 22.32
C LYS D 111 -30.54 -14.00 23.34
N ARG D 112 -29.25 -14.04 22.98
CA ARG D 112 -28.21 -14.46 23.92
C ARG D 112 -27.40 -13.30 24.50
N ALA D 113 -26.57 -13.59 25.51
CA ALA D 113 -25.63 -12.62 26.10
C ALA D 113 -24.64 -12.09 25.06
N ASP D 114 -24.29 -10.81 25.16
CA ASP D 114 -23.24 -10.27 24.30
C ASP D 114 -22.00 -11.18 24.34
N ALA D 115 -21.32 -11.32 23.21
CA ALA D 115 -20.15 -12.18 23.15
C ALA D 115 -19.11 -11.68 22.16
N ALA D 116 -17.85 -11.98 22.48
CA ALA D 116 -16.72 -11.42 21.74
C ALA D 116 -16.44 -12.18 20.44
N PRO D 117 -16.32 -11.44 19.32
CA PRO D 117 -15.85 -12.03 18.08
C PRO D 117 -14.42 -12.56 18.20
N THR D 118 -14.24 -13.84 17.90
CA THR D 118 -12.93 -14.44 17.87
C THR D 118 -12.30 -14.24 16.49
N VAL D 119 -11.20 -13.51 16.47
CA VAL D 119 -10.61 -13.05 15.22
C VAL D 119 -9.35 -13.84 14.79
N SER D 120 -9.23 -14.03 13.48
CA SER D 120 -8.15 -14.79 12.88
C SER D 120 -7.79 -14.18 11.54
N ILE D 121 -6.50 -14.04 11.31
CA ILE D 121 -6.05 -13.48 10.06
C ILE D 121 -5.14 -14.51 9.40
N PHE D 122 -5.10 -14.49 8.08
CA PHE D 122 -4.40 -15.49 7.29
C PHE D 122 -3.88 -14.80 6.04
N PRO D 123 -2.57 -14.90 5.80
CA PRO D 123 -1.95 -14.40 4.58
C PRO D 123 -2.33 -15.26 3.36
N PRO D 124 -2.08 -14.78 2.13
CA PRO D 124 -2.20 -15.65 0.97
C PRO D 124 -1.41 -16.90 1.22
N SER D 125 -1.84 -17.98 0.61
CA SER D 125 -1.06 -19.21 0.60
C SER D 125 0.01 -19.05 -0.47
N SER D 126 1.14 -19.74 -0.30
CA SER D 126 2.10 -19.89 -1.40
C SER D 126 1.32 -20.29 -2.66
N GLU D 127 0.65 -21.45 -2.60
CA GLU D 127 -0.23 -21.92 -3.67
C GLU D 127 -0.90 -20.77 -4.39
N GLN D 128 -1.51 -19.84 -3.67
CA GLN D 128 -2.19 -18.74 -4.36
C GLN D 128 -1.23 -17.69 -4.92
N LEU D 129 -0.24 -17.32 -4.11
CA LEU D 129 0.81 -16.42 -4.57
C LEU D 129 1.41 -16.95 -5.86
N THR D 130 1.94 -18.17 -5.83
CA THR D 130 2.50 -18.78 -7.03
C THR D 130 1.56 -18.80 -8.26
N SER D 131 0.32 -18.33 -8.11
CA SER D 131 -0.65 -18.34 -9.21
C SER D 131 -0.93 -16.92 -9.65
N GLY D 132 -0.19 -15.99 -9.05
CA GLY D 132 -0.26 -14.58 -9.38
C GLY D 132 -1.40 -13.87 -8.68
N GLY D 133 -1.84 -14.47 -7.56
CA GLY D 133 -2.98 -13.98 -6.81
C GLY D 133 -2.64 -13.84 -5.35
N ALA D 134 -3.38 -12.92 -4.69
CA ALA D 134 -3.12 -12.61 -3.29
C ALA D 134 -4.41 -12.20 -2.58
N SER D 135 -4.80 -13.06 -1.64
CA SER D 135 -6.03 -12.93 -0.91
C SER D 135 -5.77 -13.11 0.58
N VAL D 136 -6.26 -12.16 1.38
CA VAL D 136 -6.06 -12.21 2.82
C VAL D 136 -7.42 -12.43 3.43
N VAL D 137 -7.49 -13.40 4.31
CA VAL D 137 -8.77 -13.79 4.85
C VAL D 137 -8.83 -13.51 6.33
N CYS D 138 -9.95 -12.96 6.77
CA CYS D 138 -10.20 -12.71 8.15
C CYS D 138 -11.53 -13.37 8.55
N PHE D 139 -11.50 -14.11 9.67
CA PHE D 139 -12.68 -14.73 10.27
C PHE D 139 -13.07 -14.09 11.60
N LEU D 140 -14.32 -13.67 11.71
CA LEU D 140 -14.81 -13.15 12.96
C LEU D 140 -15.93 -14.08 13.40
N ASN D 141 -15.61 -14.92 14.37
CA ASN D 141 -16.47 -16.04 14.62
C ASN D 141 -17.12 -15.96 15.99
N ASN D 142 -18.33 -16.53 16.05
CA ASN D 142 -19.16 -16.68 17.26
C ASN D 142 -19.28 -15.46 18.13
N PHE D 143 -19.74 -14.35 17.52
CA PHE D 143 -20.11 -13.13 18.23
C PHE D 143 -21.63 -12.92 18.33
N TYR D 144 -22.03 -11.98 19.18
CA TYR D 144 -23.42 -11.55 19.33
C TYR D 144 -23.38 -10.13 19.88
N PRO D 145 -24.34 -9.24 19.51
CA PRO D 145 -25.36 -9.23 18.46
C PRO D 145 -24.81 -9.30 17.05
N LYS D 146 -25.71 -9.24 16.06
CA LYS D 146 -25.40 -9.51 14.69
C LYS D 146 -24.49 -8.44 14.11
N ASP D 147 -24.60 -7.21 14.60
CA ASP D 147 -23.93 -6.10 13.91
C ASP D 147 -22.46 -5.93 14.24
N ILE D 148 -21.70 -5.61 13.19
CA ILE D 148 -20.25 -5.71 13.20
C ILE D 148 -19.64 -5.13 11.92
N ASN D 149 -18.63 -4.27 12.04
CA ASN D 149 -17.92 -3.74 10.87
C ASN D 149 -16.51 -4.27 10.76
N VAL D 150 -15.99 -4.28 9.54
CA VAL D 150 -14.60 -4.62 9.31
C VAL D 150 -13.97 -3.54 8.45
N LYS D 151 -12.75 -3.15 8.82
CA LYS D 151 -11.85 -2.39 7.94
C LYS D 151 -10.58 -3.21 7.71
N TRP D 152 -10.07 -3.17 6.49
CA TRP D 152 -8.72 -3.63 6.20
C TRP D 152 -7.77 -2.44 6.14
N LYS D 153 -6.58 -2.59 6.71
CA LYS D 153 -5.54 -1.56 6.64
C LYS D 153 -4.30 -2.17 5.99
N ILE D 154 -3.83 -1.51 4.94
CA ILE D 154 -2.55 -1.86 4.32
C ILE D 154 -1.55 -0.73 4.53
N ASP D 155 -0.50 -1.04 5.28
CA ASP D 155 0.47 -0.04 5.70
C ASP D 155 -0.31 1.18 6.22
N GLY D 156 -1.24 0.87 7.12
CA GLY D 156 -1.97 1.89 7.87
C GLY D 156 -3.22 2.44 7.23
N SER D 157 -3.28 2.51 5.91
CA SER D 157 -4.44 3.12 5.24
C SER D 157 -5.51 2.09 4.84
N GLU D 158 -6.77 2.41 5.17
CA GLU D 158 -7.87 1.46 4.96
C GLU D 158 -8.07 1.16 3.47
N ARG D 159 -8.32 -0.10 3.17
CA ARG D 159 -8.53 -0.53 1.80
C ARG D 159 -9.92 -1.09 1.68
N GLN D 160 -10.61 -0.62 0.64
CA GLN D 160 -11.95 -1.07 0.36
C GLN D 160 -12.02 -1.90 -0.92
N ASN D 161 -11.51 -1.37 -2.02
CA ASN D 161 -11.56 -2.12 -3.26
C ASN D 161 -11.09 -3.56 -3.04
N GLY D 162 -11.90 -4.50 -3.54
CA GLY D 162 -11.55 -5.91 -3.56
C GLY D 162 -11.90 -6.67 -2.29
N VAL D 163 -12.75 -6.06 -1.47
CA VAL D 163 -13.21 -6.75 -0.26
C VAL D 163 -14.53 -7.50 -0.52
N LEU D 164 -14.51 -8.77 -0.15
CA LEU D 164 -15.71 -9.58 -0.13
C LEU D 164 -16.15 -10.04 1.29
N ASN D 165 -17.27 -9.49 1.75
CA ASN D 165 -17.87 -9.84 3.05
C ASN D 165 -18.98 -10.90 3.00
N SER D 166 -18.95 -11.87 3.91
CA SER D 166 -20.01 -12.87 4.00
C SER D 166 -20.39 -13.19 5.45
N TRP D 167 -21.69 -13.36 5.69
CA TRP D 167 -22.20 -13.60 7.02
C TRP D 167 -23.01 -14.89 7.12
N THR D 168 -22.80 -15.63 8.19
CA THR D 168 -23.70 -16.72 8.52
C THR D 168 -25.00 -16.21 9.14
N ASP D 169 -25.97 -17.12 9.23
CA ASP D 169 -27.13 -16.92 10.06
C ASP D 169 -26.84 -17.52 11.44
N GLN D 170 -27.80 -17.36 12.35
CA GLN D 170 -27.57 -17.59 13.76
C GLN D 170 -27.34 -19.06 14.06
N ASP D 171 -26.17 -19.35 14.61
CA ASP D 171 -25.79 -20.68 14.98
C ASP D 171 -26.85 -21.33 15.83
N SER D 172 -27.32 -22.48 15.40
CA SER D 172 -28.47 -23.08 16.05
C SER D 172 -28.13 -23.70 17.43
N LYS D 173 -26.85 -23.73 17.79
CA LYS D 173 -26.44 -24.28 19.09
C LYS D 173 -26.08 -23.24 20.18
N ASP D 174 -25.24 -22.27 19.83
CA ASP D 174 -24.75 -21.30 20.78
C ASP D 174 -25.30 -19.88 20.51
N SER D 175 -26.20 -19.78 19.52
CA SER D 175 -26.93 -18.56 19.14
C SER D 175 -26.07 -17.38 18.68
N THR D 176 -24.80 -17.63 18.44
CA THR D 176 -23.91 -16.60 17.93
C THR D 176 -24.04 -16.43 16.42
N TYR D 177 -23.19 -15.57 15.89
CA TYR D 177 -23.15 -15.23 14.48
C TYR D 177 -21.69 -15.18 14.03
N SER D 178 -21.42 -15.55 12.78
CA SER D 178 -20.06 -15.44 12.29
C SER D 178 -19.96 -14.65 11.00
N MET D 179 -18.74 -14.17 10.73
CA MET D 179 -18.45 -13.35 9.56
C MET D 179 -17.16 -13.79 8.91
N SER D 180 -17.05 -13.55 7.62
CA SER D 180 -15.81 -13.72 6.90
C SER D 180 -15.60 -12.54 5.96
N SER D 181 -14.47 -11.83 6.13
CA SER D 181 -14.00 -10.87 5.13
C SER D 181 -12.76 -11.38 4.43
N THR D 182 -12.76 -11.34 3.10
CA THR D 182 -11.55 -11.68 2.34
C THR D 182 -11.16 -10.58 1.35
N LEU D 183 -9.93 -10.09 1.51
CA LEU D 183 -9.38 -9.03 0.65
C LEU D 183 -8.54 -9.61 -0.47
N THR D 184 -8.84 -9.23 -1.71
CA THR D 184 -8.16 -9.80 -2.90
C THR D 184 -7.34 -8.78 -3.69
N LEU D 185 -6.10 -9.18 -4.01
CA LEU D 185 -5.15 -8.36 -4.75
C LEU D 185 -4.44 -9.24 -5.76
N THR D 186 -3.57 -8.64 -6.57
CA THR D 186 -2.62 -9.41 -7.38
C THR D 186 -1.44 -9.68 -6.48
N LYS D 187 -0.63 -10.68 -6.82
CA LYS D 187 0.59 -10.93 -6.07
C LYS D 187 1.44 -9.66 -5.98
N ASP D 188 1.86 -9.15 -7.14
CA ASP D 188 2.81 -8.05 -7.19
C ASP D 188 2.33 -6.81 -6.41
N GLU D 189 1.01 -6.56 -6.40
CA GLU D 189 0.47 -5.51 -5.52
C GLU D 189 0.63 -5.82 -4.03
N TYR D 190 0.46 -7.09 -3.66
CA TYR D 190 0.58 -7.53 -2.28
C TYR D 190 2.02 -7.48 -1.79
N GLU D 191 2.96 -7.65 -2.72
CA GLU D 191 4.39 -7.60 -2.43
C GLU D 191 4.95 -6.15 -2.38
N ARG D 192 4.17 -5.16 -2.84
CA ARG D 192 4.56 -3.75 -2.69
C ARG D 192 4.23 -3.19 -1.29
N HIS D 193 3.74 -4.04 -0.38
CA HIS D 193 3.35 -3.61 0.97
C HIS D 193 3.76 -4.59 2.04
N ASN D 194 3.74 -4.16 3.30
CA ASN D 194 4.22 -5.03 4.37
C ASN D 194 3.26 -5.26 5.53
N SER D 195 2.43 -4.26 5.85
CA SER D 195 1.57 -4.42 7.02
C SER D 195 0.12 -4.75 6.64
N TYR D 196 -0.41 -5.83 7.20
CA TYR D 196 -1.79 -6.23 6.92
C TYR D 196 -2.72 -6.34 8.15
N THR D 197 -3.65 -5.40 8.25
CA THR D 197 -4.54 -5.37 9.41
C THR D 197 -6.03 -5.56 9.13
N CYS D 198 -6.60 -6.46 9.91
CA CYS D 198 -8.04 -6.69 9.98
C CYS D 198 -8.59 -6.08 11.30
N GLU D 199 -9.42 -5.05 11.17
CA GLU D 199 -9.96 -4.37 12.35
C GLU D 199 -11.45 -4.61 12.39
N ALA D 200 -11.87 -5.13 13.54
CA ALA D 200 -13.27 -5.43 13.82
C ALA D 200 -13.76 -4.47 14.88
N THR D 201 -14.89 -3.84 14.65
CA THR D 201 -15.45 -3.00 15.68
C THR D 201 -16.85 -3.50 16.03
N HIS D 202 -17.02 -3.89 17.29
CA HIS D 202 -18.20 -4.59 17.71
C HIS D 202 -18.76 -4.08 19.03
N LYS D 203 -20.08 -4.04 19.13
CA LYS D 203 -20.79 -3.58 20.33
C LYS D 203 -20.10 -4.02 21.61
N THR D 204 -19.36 -5.14 21.53
CA THR D 204 -18.75 -5.78 22.70
C THR D 204 -17.48 -5.12 23.27
N SER D 205 -16.92 -4.16 22.54
CA SER D 205 -15.60 -3.63 22.88
C SER D 205 -15.45 -2.19 22.40
N THR D 206 -14.97 -1.31 23.30
CA THR D 206 -14.94 0.13 23.11
C THR D 206 -14.16 0.57 21.86
N SER D 207 -12.90 0.13 21.81
CA SER D 207 -12.08 0.31 20.62
C SER D 207 -11.90 -1.06 19.93
N PRO D 208 -11.77 -1.04 18.59
CA PRO D 208 -11.73 -2.19 17.68
C PRO D 208 -10.80 -3.31 18.09
N ILE D 209 -11.13 -4.52 17.64
CA ILE D 209 -10.30 -5.68 17.90
C ILE D 209 -9.42 -5.90 16.69
N VAL D 210 -8.11 -6.03 16.91
CA VAL D 210 -7.11 -5.95 15.84
C VAL D 210 -6.26 -7.22 15.65
N LYS D 211 -6.25 -7.74 14.44
CA LYS D 211 -5.32 -8.80 14.07
C LYS D 211 -4.49 -8.34 12.91
N SER D 212 -3.24 -8.80 12.87
CA SER D 212 -2.25 -8.27 11.95
C SER D 212 -1.02 -9.14 11.76
N PHE D 213 -0.42 -8.97 10.57
CA PHE D 213 0.82 -9.65 10.24
C PHE D 213 1.59 -8.83 9.24
N ASN D 214 2.90 -9.10 9.17
CA ASN D 214 3.76 -8.49 8.17
C ASN D 214 4.11 -9.47 7.07
N ARG D 215 3.93 -9.04 5.82
CA ARG D 215 4.24 -9.83 4.64
C ARG D 215 5.52 -10.65 4.85
N ASN D 216 6.60 -10.00 5.33
CA ASN D 216 7.78 -10.72 5.89
C ASN D 216 7.77 -10.75 7.42
C1 PGE E . -57.02 -29.73 -0.22
O1 PGE E . -58.18 -30.25 0.44
C2 PGE E . -55.77 -30.58 0.02
O2 PGE E . -54.95 -30.48 -1.14
C3 PGE E . -54.48 -31.70 -1.72
C4 PGE E . -55.25 -32.00 -3.00
O4 PGE E . -56.56 -29.14 -6.43
C6 PGE E . -56.65 -29.27 -5.00
C5 PGE E . -56.43 -30.75 -4.67
O3 PGE E . -55.20 -30.92 -3.94
C1 PGE F . -65.15 -33.24 0.97
O1 PGE F . -64.56 -34.43 1.51
C2 PGE F . -65.95 -33.52 -0.29
O2 PGE F . -65.07 -33.78 -1.36
C3 PGE F . -65.46 -33.24 -2.63
C4 PGE F . -65.07 -34.24 -3.74
O4 PGE F . -65.75 -30.95 -6.06
C6 PGE F . -66.59 -32.09 -5.77
C5 PGE F . -65.82 -33.39 -5.87
O3 PGE F . -66.07 -34.25 -4.76
#